data_6R5F
#
_entry.id   6R5F
#
_cell.length_a   45.858
_cell.length_b   138.919
_cell.length_c   96.534
_cell.angle_alpha   90.00
_cell.angle_beta   96.50
_cell.angle_gamma   90.00
#
_symmetry.space_group_name_H-M   'P 1 21 1'
#
loop_
_entity.id
_entity.type
_entity.pdbx_description
1 polymer 'Receptor-interacting serine/threonine-protein kinase 1'
2 non-polymer [(5~{S})-5-[3,5-bis(fluoranyl)phenyl]pyrazolidin-1-yl]-[1-(5-methyl-1,3,4-oxadiazol-2-yl)piperidin-4-yl]methanone
#
_entity_poly.entity_id   1
_entity_poly.type   'polypeptide(L)'
_entity_poly.pdbx_seq_one_letter_code
;MDYKDDDDKMQPDMSLNVIKMKSSDFLESAELDSGGFGKVSLAFHRTQGLMIMKTVYKGPNCIEHNEALLEEAKMMNRLR
HSRVVKLLGVIIEEGKYSLVMEYMEKGNLMHVLKAEMSTPLSVKGRIILEIIEGMAYLHGKGVIHKDLKPENILVDNDFH
IKIADLGLASFKMWSKLNNEEHNELREVDGTAKKNGGTLYYMAPEHLNDVNAKPTEKSDVYSFAVVLWAIFANKEPYENA
IAEQQLIMAIKSGNRPDVDDITEYCPREIISLMKLCWEANPEARPTFPGIEEKFRPFYLSQLE
;
_entity_poly.pdbx_strand_id   A,B,C,D
#
# COMPACT_ATOMS: atom_id res chain seq x y z
N VAL A 18 -2.65 -18.26 -18.70
CA VAL A 18 -3.65 -19.22 -18.24
C VAL A 18 -4.08 -18.88 -16.79
N ILE A 19 -5.41 -18.71 -16.54
CA ILE A 19 -6.00 -18.41 -15.20
C ILE A 19 -5.14 -17.38 -14.39
N LYS A 20 -4.71 -16.34 -15.12
CA LYS A 20 -3.89 -15.29 -14.56
C LYS A 20 -4.68 -13.99 -14.52
N MET A 21 -4.59 -13.34 -13.37
CA MET A 21 -5.25 -12.07 -13.06
C MET A 21 -4.19 -11.02 -12.74
N LYS A 22 -4.59 -9.76 -12.91
CA LYS A 22 -3.81 -8.55 -12.64
C LYS A 22 -4.50 -7.85 -11.48
N SER A 23 -3.75 -7.08 -10.67
CA SER A 23 -4.37 -6.33 -9.59
C SER A 23 -5.26 -5.21 -10.18
N SER A 24 -4.97 -4.80 -11.43
CA SER A 24 -5.73 -3.80 -12.19
C SER A 24 -7.14 -4.32 -12.59
N ASP A 25 -7.35 -5.66 -12.55
CA ASP A 25 -8.63 -6.32 -12.88
C ASP A 25 -9.63 -6.18 -11.72
N SER A 41 -9.46 -10.44 1.72
CA SER A 41 -10.11 -9.23 1.23
C SER A 41 -11.15 -9.48 0.14
N LEU A 42 -12.26 -8.75 0.24
CA LEU A 42 -13.36 -8.78 -0.73
C LEU A 42 -12.92 -7.98 -1.93
N ALA A 43 -13.12 -8.54 -3.12
CA ALA A 43 -12.68 -7.87 -4.34
C ALA A 43 -13.72 -7.87 -5.44
N PHE A 44 -13.97 -6.69 -6.01
CA PHE A 44 -14.90 -6.53 -7.13
C PHE A 44 -14.05 -6.63 -8.37
N HIS A 45 -14.12 -7.81 -9.05
CA HIS A 45 -13.36 -8.05 -10.26
C HIS A 45 -13.94 -7.18 -11.36
N ARG A 46 -13.03 -6.58 -12.15
CA ARG A 46 -13.28 -5.66 -13.25
C ARG A 46 -14.32 -6.13 -14.27
N THR A 47 -14.34 -7.45 -14.59
CA THR A 47 -15.19 -8.00 -15.63
C THR A 47 -16.02 -9.24 -15.19
N GLN A 48 -15.51 -10.05 -14.25
CA GLN A 48 -16.17 -11.31 -13.89
C GLN A 48 -16.92 -11.35 -12.53
N GLY A 49 -17.23 -10.18 -11.96
CA GLY A 49 -18.03 -10.11 -10.74
C GLY A 49 -17.31 -10.24 -9.41
N LEU A 50 -18.07 -10.53 -8.33
CA LEU A 50 -17.64 -10.66 -6.92
C LEU A 50 -16.77 -11.84 -6.64
N MET A 51 -15.68 -11.64 -5.86
CA MET A 51 -14.70 -12.69 -5.55
C MET A 51 -13.99 -12.47 -4.21
N ILE A 52 -13.49 -13.56 -3.63
CA ILE A 52 -12.70 -13.51 -2.40
C ILE A 52 -11.22 -13.71 -2.78
N MET A 53 -10.35 -12.86 -2.22
CA MET A 53 -8.92 -12.87 -2.50
C MET A 53 -8.05 -12.98 -1.25
N LYS A 54 -6.93 -13.73 -1.35
CA LYS A 54 -5.97 -13.86 -0.27
C LYS A 54 -4.59 -13.55 -0.82
N THR A 55 -3.99 -12.45 -0.32
CA THR A 55 -2.65 -12.05 -0.71
C THR A 55 -1.67 -12.78 0.19
N GLY A 59 6.33 -10.43 -0.67
CA GLY A 59 7.66 -10.97 -0.47
C GLY A 59 8.48 -10.97 -1.74
N PRO A 60 9.84 -10.81 -1.69
CA PRO A 60 10.64 -10.76 -2.94
C PRO A 60 10.33 -11.83 -3.97
N ASN A 61 10.41 -11.47 -5.27
CA ASN A 61 10.11 -12.41 -6.36
C ASN A 61 11.24 -13.42 -6.53
N CYS A 62 10.86 -14.69 -6.75
CA CYS A 62 11.76 -15.85 -6.88
C CYS A 62 11.29 -16.64 -8.08
N ILE A 63 11.71 -16.21 -9.29
CA ILE A 63 11.36 -16.78 -10.62
C ILE A 63 11.44 -18.35 -10.63
N GLU A 64 12.23 -18.93 -9.71
CA GLU A 64 12.42 -20.36 -9.52
C GLU A 64 11.14 -21.15 -9.19
N HIS A 65 10.14 -20.50 -8.55
CA HIS A 65 8.90 -21.16 -8.12
C HIS A 65 7.62 -20.72 -8.85
N ASN A 66 7.65 -19.65 -9.67
CA ASN A 66 6.50 -19.13 -10.42
C ASN A 66 5.79 -20.16 -11.34
N GLU A 67 6.57 -21.03 -12.03
CA GLU A 67 6.08 -22.07 -12.93
C GLU A 67 5.36 -23.17 -12.14
N ALA A 68 5.90 -23.52 -10.96
CA ALA A 68 5.35 -24.54 -10.07
C ALA A 68 4.07 -24.08 -9.36
N LEU A 69 3.97 -22.76 -9.03
CA LEU A 69 2.81 -22.12 -8.39
C LEU A 69 1.65 -22.06 -9.37
N LEU A 70 1.94 -21.67 -10.63
CA LEU A 70 0.98 -21.57 -11.74
C LEU A 70 0.46 -22.97 -12.10
N GLU A 71 1.33 -24.01 -12.04
CA GLU A 71 0.96 -25.40 -12.35
C GLU A 71 0.01 -25.92 -11.27
N GLU A 72 0.30 -25.61 -10.00
CA GLU A 72 -0.48 -26.02 -8.85
C GLU A 72 -1.87 -25.38 -8.84
N ALA A 73 -1.97 -24.07 -9.15
CA ALA A 73 -3.24 -23.36 -9.20
C ALA A 73 -4.12 -23.91 -10.32
N LYS A 74 -3.52 -24.27 -11.46
CA LYS A 74 -4.18 -24.86 -12.64
C LYS A 74 -4.78 -26.24 -12.27
N MET A 75 -4.04 -26.99 -11.44
CA MET A 75 -4.35 -28.33 -10.94
C MET A 75 -5.56 -28.26 -10.00
N MET A 76 -5.50 -27.35 -9.00
CA MET A 76 -6.56 -27.12 -8.02
C MET A 76 -7.77 -26.49 -8.69
N ASN A 77 -7.57 -25.74 -9.78
CA ASN A 77 -8.64 -25.15 -10.56
C ASN A 77 -9.43 -26.23 -11.33
N ARG A 78 -8.82 -27.43 -11.55
CA ARG A 78 -9.50 -28.56 -12.21
C ARG A 78 -10.58 -29.21 -11.30
N LEU A 79 -10.64 -28.80 -10.01
CA LEU A 79 -11.62 -29.28 -9.02
C LEU A 79 -12.94 -28.48 -9.20
N ARG A 80 -13.86 -29.04 -10.02
CA ARG A 80 -15.13 -28.41 -10.40
C ARG A 80 -16.38 -29.20 -9.93
N HIS A 81 -16.97 -28.75 -8.83
CA HIS A 81 -18.17 -29.40 -8.27
C HIS A 81 -19.05 -28.35 -7.62
N SER A 82 -20.37 -28.56 -7.66
CA SER A 82 -21.37 -27.64 -7.08
C SER A 82 -21.18 -27.37 -5.58
N ARG A 83 -20.65 -28.36 -4.82
CA ARG A 83 -20.43 -28.24 -3.38
C ARG A 83 -18.93 -28.12 -2.99
N VAL A 84 -18.08 -27.71 -3.94
CA VAL A 84 -16.65 -27.52 -3.72
C VAL A 84 -16.33 -26.10 -4.21
N VAL A 85 -15.58 -25.30 -3.41
CA VAL A 85 -15.17 -23.93 -3.78
C VAL A 85 -14.35 -23.97 -5.05
N LYS A 86 -14.66 -23.04 -5.98
CA LYS A 86 -13.95 -22.93 -7.25
C LYS A 86 -12.84 -21.90 -7.14
N LEU A 87 -11.58 -22.33 -7.43
CA LEU A 87 -10.43 -21.43 -7.43
C LEU A 87 -10.49 -20.72 -8.79
N LEU A 88 -10.92 -19.45 -8.78
CA LEU A 88 -11.15 -18.68 -10.00
C LEU A 88 -9.90 -18.15 -10.70
N GLY A 89 -8.92 -17.69 -9.93
CA GLY A 89 -7.70 -17.15 -10.50
C GLY A 89 -6.53 -17.00 -9.56
N VAL A 90 -5.42 -16.51 -10.10
CA VAL A 90 -4.18 -16.21 -9.40
C VAL A 90 -3.63 -14.89 -9.85
N ILE A 91 -2.91 -14.23 -8.96
CA ILE A 91 -2.19 -13.01 -9.26
C ILE A 91 -0.72 -13.35 -9.02
N ILE A 92 0.02 -13.54 -10.12
CA ILE A 92 1.45 -13.83 -10.09
C ILE A 92 2.16 -12.56 -10.61
N GLU A 93 2.48 -11.67 -9.68
CA GLU A 93 3.14 -10.40 -9.98
C GLU A 93 4.46 -10.31 -9.21
N GLU A 94 5.34 -9.35 -9.60
CA GLU A 94 6.64 -9.12 -8.96
C GLU A 94 6.47 -8.82 -7.47
N GLY A 95 6.95 -9.76 -6.64
CA GLY A 95 6.85 -9.64 -5.19
C GLY A 95 5.46 -9.69 -4.57
N LYS A 96 4.41 -9.94 -5.39
CA LYS A 96 3.02 -10.02 -4.95
C LYS A 96 2.29 -11.24 -5.52
N TYR A 97 1.87 -12.14 -4.62
CA TYR A 97 1.17 -13.38 -4.94
C TYR A 97 -0.18 -13.42 -4.27
N SER A 98 -1.21 -13.80 -5.03
CA SER A 98 -2.58 -13.87 -4.55
C SER A 98 -3.36 -15.01 -5.15
N LEU A 99 -4.29 -15.56 -4.35
CA LEU A 99 -5.24 -16.61 -4.74
C LEU A 99 -6.66 -16.02 -4.70
N VAL A 100 -7.44 -16.30 -5.75
CA VAL A 100 -8.79 -15.76 -5.92
C VAL A 100 -9.81 -16.91 -6.03
N MET A 101 -10.77 -16.93 -5.09
CA MET A 101 -11.85 -17.93 -5.06
C MET A 101 -13.19 -17.19 -5.19
N GLU A 102 -14.29 -17.94 -5.31
CA GLU A 102 -15.61 -17.30 -5.43
C GLU A 102 -16.17 -16.82 -4.10
N TYR A 103 -17.12 -15.88 -4.19
CA TYR A 103 -17.78 -15.25 -3.07
C TYR A 103 -18.84 -16.15 -2.42
N MET A 104 -18.84 -16.20 -1.07
CA MET A 104 -19.78 -16.95 -0.23
C MET A 104 -20.29 -15.96 0.80
N GLU A 105 -21.54 -15.53 0.62
CA GLU A 105 -22.21 -14.50 1.39
C GLU A 105 -22.30 -14.72 2.91
N LYS A 106 -22.79 -15.89 3.40
CA LYS A 106 -23.02 -16.14 4.83
C LYS A 106 -21.81 -16.61 5.65
N GLY A 107 -20.62 -16.56 5.07
CA GLY A 107 -19.40 -16.96 5.79
C GLY A 107 -19.25 -18.46 6.00
N ASN A 108 -18.65 -18.87 7.14
CA ASN A 108 -18.46 -20.30 7.38
C ASN A 108 -19.60 -20.95 8.21
N LEU A 109 -19.61 -22.30 8.25
CA LEU A 109 -20.61 -23.12 8.93
C LEU A 109 -20.74 -22.81 10.42
N MET A 110 -19.61 -22.53 11.11
CA MET A 110 -19.63 -22.19 12.54
C MET A 110 -20.32 -20.85 12.79
N HIS A 111 -20.00 -19.83 11.97
CA HIS A 111 -20.61 -18.50 11.99
C HIS A 111 -22.14 -18.60 11.86
N VAL A 112 -22.63 -19.43 10.91
CA VAL A 112 -24.06 -19.69 10.63
C VAL A 112 -24.75 -20.45 11.79
N LEU A 113 -24.10 -21.47 12.39
CA LEU A 113 -24.68 -22.23 13.51
C LEU A 113 -24.79 -21.39 14.81
N LYS A 114 -23.73 -20.59 15.09
CA LYS A 114 -23.65 -19.72 16.25
C LYS A 114 -24.49 -18.42 16.12
N ALA A 115 -25.24 -18.28 15.00
CA ALA A 115 -26.10 -17.13 14.75
C ALA A 115 -27.29 -17.09 15.70
N GLU A 116 -28.02 -15.93 15.72
CA GLU A 116 -29.21 -15.68 16.57
C GLU A 116 -30.41 -16.51 16.08
N MET A 117 -30.67 -16.44 14.75
CA MET A 117 -31.74 -17.20 14.10
C MET A 117 -31.32 -18.67 13.96
N SER A 118 -32.09 -19.60 14.56
CA SER A 118 -31.78 -21.04 14.49
C SER A 118 -31.97 -21.59 13.07
N THR A 119 -31.18 -22.59 12.73
CA THR A 119 -31.17 -23.26 11.44
C THR A 119 -32.02 -24.52 11.55
N PRO A 120 -33.12 -24.66 10.78
CA PRO A 120 -33.96 -25.86 10.94
C PRO A 120 -33.29 -27.17 10.58
N LEU A 121 -33.81 -28.27 11.11
CA LEU A 121 -33.34 -29.62 10.86
C LEU A 121 -33.23 -29.93 9.34
N SER A 122 -34.23 -29.48 8.53
CA SER A 122 -34.25 -29.70 7.09
C SER A 122 -33.05 -29.07 6.39
N VAL A 123 -32.63 -27.85 6.86
CA VAL A 123 -31.48 -27.13 6.30
C VAL A 123 -30.21 -27.86 6.71
N LYS A 124 -30.07 -28.22 8.00
CA LYS A 124 -28.93 -28.95 8.58
C LYS A 124 -28.71 -30.29 7.87
N GLY A 125 -29.79 -31.01 7.60
CA GLY A 125 -29.77 -32.26 6.87
C GLY A 125 -29.32 -32.11 5.43
N ARG A 126 -29.65 -30.94 4.80
CA ARG A 126 -29.28 -30.64 3.43
C ARG A 126 -27.80 -30.30 3.39
N ILE A 127 -27.34 -29.51 4.40
CA ILE A 127 -25.94 -29.12 4.58
C ILE A 127 -25.09 -30.40 4.67
N ILE A 128 -25.55 -31.42 5.46
CA ILE A 128 -24.87 -32.70 5.64
C ILE A 128 -24.73 -33.44 4.29
N LEU A 129 -25.85 -33.58 3.55
CA LEU A 129 -25.88 -34.23 2.24
C LEU A 129 -24.89 -33.52 1.27
N GLU A 130 -24.89 -32.19 1.28
CA GLU A 130 -24.00 -31.43 0.42
C GLU A 130 -22.53 -31.63 0.77
N ILE A 131 -22.19 -31.81 2.08
CA ILE A 131 -20.82 -32.04 2.58
C ILE A 131 -20.34 -33.41 2.07
N ILE A 132 -21.20 -34.45 2.19
CA ILE A 132 -20.97 -35.82 1.73
C ILE A 132 -20.65 -35.78 0.24
N GLU A 133 -21.49 -35.10 -0.57
CA GLU A 133 -21.34 -34.96 -2.04
C GLU A 133 -20.01 -34.34 -2.45
N GLY A 134 -19.69 -33.21 -1.83
CA GLY A 134 -18.46 -32.45 -2.07
C GLY A 134 -17.22 -33.23 -1.71
N MET A 135 -17.28 -33.99 -0.59
CA MET A 135 -16.17 -34.81 -0.12
C MET A 135 -16.02 -36.04 -0.99
N ALA A 136 -17.14 -36.64 -1.41
CA ALA A 136 -17.08 -37.83 -2.29
C ALA A 136 -16.48 -37.45 -3.68
N TYR A 137 -16.72 -36.21 -4.13
CA TYR A 137 -16.17 -35.70 -5.37
C TYR A 137 -14.65 -35.55 -5.25
N LEU A 138 -14.18 -34.90 -4.15
CA LEU A 138 -12.76 -34.67 -3.89
C LEU A 138 -12.00 -35.98 -3.80
N HIS A 139 -12.53 -36.97 -3.03
CA HIS A 139 -11.94 -38.30 -2.86
C HIS A 139 -11.85 -39.04 -4.18
N GLY A 140 -12.90 -38.87 -5.02
CA GLY A 140 -12.97 -39.44 -6.37
C GLY A 140 -11.92 -38.90 -7.31
N LYS A 141 -11.44 -37.66 -7.07
CA LYS A 141 -10.41 -36.99 -7.85
C LYS A 141 -9.03 -37.18 -7.24
N GLY A 142 -8.94 -38.05 -6.23
CA GLY A 142 -7.70 -38.35 -5.52
C GLY A 142 -7.28 -37.33 -4.49
N VAL A 143 -8.10 -36.29 -4.27
CA VAL A 143 -7.82 -35.24 -3.28
C VAL A 143 -8.24 -35.70 -1.88
N ILE A 144 -7.30 -35.67 -0.94
CA ILE A 144 -7.55 -35.95 0.48
C ILE A 144 -7.43 -34.58 1.14
N HIS A 145 -8.56 -34.12 1.75
CA HIS A 145 -8.65 -32.79 2.36
C HIS A 145 -7.58 -32.56 3.42
N LYS A 146 -7.60 -33.40 4.48
CA LYS A 146 -6.72 -33.42 5.67
C LYS A 146 -7.14 -32.41 6.71
N ASP A 147 -7.88 -31.35 6.30
CA ASP A 147 -8.28 -30.30 7.21
C ASP A 147 -9.76 -29.93 7.08
N LEU A 148 -10.66 -30.94 7.12
CA LEU A 148 -12.09 -30.68 7.04
C LEU A 148 -12.57 -30.20 8.39
N LYS A 149 -13.18 -29.02 8.44
CA LYS A 149 -13.66 -28.41 9.69
C LYS A 149 -14.75 -27.37 9.37
N PRO A 150 -15.58 -26.87 10.36
CA PRO A 150 -16.63 -25.89 10.03
C PRO A 150 -16.17 -24.61 9.36
N GLU A 151 -14.91 -24.23 9.58
CA GLU A 151 -14.28 -23.03 8.99
C GLU A 151 -13.95 -23.23 7.53
N ASN A 152 -13.88 -24.48 7.09
CA ASN A 152 -13.63 -24.83 5.70
C ASN A 152 -14.92 -25.16 4.95
N ILE A 153 -16.07 -24.92 5.57
CA ILE A 153 -17.36 -25.15 4.94
C ILE A 153 -17.99 -23.79 4.84
N LEU A 154 -18.09 -23.29 3.60
CA LEU A 154 -18.63 -21.96 3.36
C LEU A 154 -20.08 -21.99 2.94
N VAL A 155 -20.85 -20.95 3.35
CA VAL A 155 -22.30 -20.89 3.13
C VAL A 155 -22.70 -19.72 2.22
N ASP A 156 -23.61 -19.98 1.27
CA ASP A 156 -24.13 -18.91 0.44
C ASP A 156 -25.41 -18.34 1.09
N ASN A 157 -26.02 -17.32 0.46
CA ASN A 157 -27.24 -16.71 0.97
C ASN A 157 -28.42 -17.66 1.11
N ASP A 158 -28.50 -18.66 0.20
CA ASP A 158 -29.56 -19.66 0.16
C ASP A 158 -29.28 -20.91 1.06
N PHE A 159 -28.29 -20.80 1.98
CA PHE A 159 -27.85 -21.83 2.93
C PHE A 159 -27.24 -23.08 2.27
N HIS A 160 -26.80 -22.94 1.03
CA HIS A 160 -26.12 -24.02 0.31
C HIS A 160 -24.63 -23.93 0.67
N ILE A 161 -23.94 -25.06 0.71
CA ILE A 161 -22.55 -25.00 1.11
C ILE A 161 -21.58 -25.39 0.00
N LYS A 162 -20.32 -25.02 0.20
CA LYS A 162 -19.17 -25.36 -0.63
C LYS A 162 -18.00 -25.66 0.30
N ILE A 163 -17.24 -26.75 0.03
CA ILE A 163 -16.04 -27.16 0.77
C ILE A 163 -14.85 -26.33 0.29
N ALA A 164 -14.16 -25.67 1.22
CA ALA A 164 -13.03 -24.78 0.96
C ALA A 164 -11.76 -25.40 1.54
N ASP A 165 -10.59 -24.88 1.15
CA ASP A 165 -9.30 -25.29 1.70
C ASP A 165 -8.57 -24.00 2.07
N LEU A 166 -9.16 -23.25 3.03
CA LEU A 166 -8.67 -21.93 3.45
C LEU A 166 -7.31 -21.94 4.15
N GLY A 167 -6.91 -23.08 4.71
CA GLY A 167 -5.61 -23.25 5.35
C GLY A 167 -4.52 -23.76 4.43
N LEU A 168 -4.84 -23.88 3.12
CA LEU A 168 -3.97 -24.31 2.02
C LEU A 168 -3.33 -25.71 2.22
N ALA A 169 -4.03 -26.64 2.92
CA ALA A 169 -3.56 -28.01 3.17
C ALA A 169 -3.41 -28.87 1.90
N SER A 170 -4.03 -28.48 0.79
CA SER A 170 -3.96 -29.20 -0.47
C SER A 170 -3.10 -28.47 -1.55
N PHE A 171 -2.43 -27.39 -1.14
CA PHE A 171 -1.52 -26.57 -1.97
C PHE A 171 -0.15 -26.64 -1.31
N LYS A 172 0.82 -27.40 -1.86
CA LYS A 172 2.12 -27.46 -1.19
C LYS A 172 3.00 -26.26 -1.52
N MET A 173 3.09 -25.91 -2.83
CA MET A 173 3.86 -24.77 -3.32
C MET A 173 3.38 -23.46 -2.67
N TRP A 174 2.06 -23.17 -2.71
CA TRP A 174 1.46 -21.96 -2.15
C TRP A 174 1.47 -21.93 -0.63
N SER A 175 1.51 -23.12 0.05
CA SER A 175 1.56 -23.19 1.53
C SER A 175 2.94 -22.76 2.02
N LYS A 176 3.99 -23.04 1.20
CA LYS A 176 5.39 -22.71 1.46
C LYS A 176 5.61 -21.19 1.39
N LEU A 177 4.88 -20.49 0.49
CA LEU A 177 4.92 -19.03 0.33
C LEU A 177 4.35 -18.36 1.58
N ASN A 178 3.16 -18.84 2.03
CA ASN A 178 2.43 -18.39 3.22
C ASN A 178 3.31 -18.43 4.47
N ASN A 179 4.20 -19.45 4.56
CA ASN A 179 5.13 -19.59 5.68
C ASN A 179 6.60 -19.58 5.19
N GLU A 180 7.15 -18.35 5.06
CA GLU A 180 8.53 -18.06 4.62
C GLU A 180 9.01 -16.74 5.24
N GLU A 181 10.35 -16.54 5.31
CA GLU A 181 10.99 -15.36 5.90
C GLU A 181 10.95 -14.14 4.98
N THR A 198 -7.65 -26.21 13.82
CA THR A 198 -7.95 -26.82 15.12
C THR A 198 -7.85 -28.34 15.05
N LEU A 199 -7.23 -28.91 16.07
CA LEU A 199 -6.99 -30.33 16.25
C LEU A 199 -8.24 -31.14 16.66
N TYR A 200 -9.38 -30.47 16.95
CA TYR A 200 -10.61 -31.17 17.37
C TYR A 200 -11.21 -32.08 16.31
N TYR A 201 -10.92 -31.78 15.03
CA TYR A 201 -11.43 -32.49 13.84
C TYR A 201 -10.38 -33.46 13.28
N MET A 202 -9.18 -33.50 13.88
CA MET A 202 -8.09 -34.37 13.44
C MET A 202 -8.24 -35.82 13.90
N ALA A 203 -8.14 -36.77 12.96
CA ALA A 203 -8.19 -38.21 13.24
C ALA A 203 -7.09 -38.58 14.28
N PRO A 204 -7.35 -39.51 15.24
CA PRO A 204 -6.34 -39.78 16.28
C PRO A 204 -5.03 -40.42 15.79
N GLU A 205 -5.01 -41.05 14.59
CA GLU A 205 -3.79 -41.65 14.03
C GLU A 205 -2.73 -40.59 13.62
N HIS A 206 -3.13 -39.32 13.56
CA HIS A 206 -2.29 -38.19 13.19
C HIS A 206 -1.92 -37.36 14.37
N LEU A 207 -2.64 -37.55 15.49
CA LEU A 207 -2.32 -36.84 16.71
C LEU A 207 -1.03 -37.47 17.28
N ASN A 208 -0.01 -36.61 17.57
CA ASN A 208 1.29 -37.02 18.07
C ASN A 208 2.00 -38.07 17.17
N ASP A 209 1.71 -38.02 15.85
CA ASP A 209 2.25 -38.86 14.78
C ASP A 209 2.11 -38.13 13.44
N VAL A 210 3.12 -37.27 13.16
CA VAL A 210 3.18 -36.37 12.01
C VAL A 210 3.52 -37.12 10.73
N ASN A 211 4.14 -38.30 10.88
CA ASN A 211 4.65 -39.04 9.73
C ASN A 211 3.66 -39.93 9.02
N ALA A 212 2.65 -40.46 9.74
CA ALA A 212 1.62 -41.32 9.12
C ALA A 212 0.94 -40.54 7.99
N LYS A 213 0.83 -41.17 6.80
CA LYS A 213 0.23 -40.55 5.62
C LYS A 213 -1.29 -40.49 5.81
N PRO A 214 -1.93 -39.29 5.65
CA PRO A 214 -3.38 -39.22 5.80
C PRO A 214 -4.11 -39.97 4.67
N THR A 215 -5.33 -40.48 4.97
CA THR A 215 -6.15 -41.20 4.00
C THR A 215 -7.55 -40.60 3.87
N GLU A 216 -8.38 -41.25 3.06
CA GLU A 216 -9.78 -40.92 2.86
C GLU A 216 -10.49 -41.06 4.20
N LYS A 217 -10.10 -42.06 5.02
CA LYS A 217 -10.64 -42.33 6.36
C LYS A 217 -10.26 -41.27 7.43
N SER A 218 -9.26 -40.42 7.13
CA SER A 218 -8.84 -39.34 8.01
C SER A 218 -9.88 -38.20 7.92
N ASP A 219 -10.47 -38.03 6.72
CA ASP A 219 -11.51 -37.04 6.41
C ASP A 219 -12.88 -37.49 6.96
N VAL A 220 -13.15 -38.81 6.89
CA VAL A 220 -14.36 -39.43 7.42
C VAL A 220 -14.43 -39.16 8.96
N TYR A 221 -13.29 -39.17 9.67
CA TYR A 221 -13.26 -38.85 11.09
C TYR A 221 -13.66 -37.39 11.31
N SER A 222 -13.07 -36.46 10.50
CA SER A 222 -13.33 -35.01 10.58
C SER A 222 -14.82 -34.74 10.38
N PHE A 223 -15.43 -35.42 9.39
CA PHE A 223 -16.86 -35.33 9.07
C PHE A 223 -17.70 -35.63 10.33
N ALA A 224 -17.33 -36.68 11.09
CA ALA A 224 -17.98 -37.10 12.32
C ALA A 224 -18.06 -35.97 13.35
N VAL A 225 -16.98 -35.19 13.50
CA VAL A 225 -16.96 -34.09 14.47
C VAL A 225 -17.75 -32.87 13.91
N VAL A 226 -17.73 -32.67 12.55
CA VAL A 226 -18.51 -31.61 11.90
C VAL A 226 -20.01 -31.92 12.14
N LEU A 227 -20.37 -33.22 12.00
CA LEU A 227 -21.73 -33.74 12.24
C LEU A 227 -22.19 -33.40 13.64
N TRP A 228 -21.31 -33.57 14.64
CA TRP A 228 -21.54 -33.25 16.04
C TRP A 228 -21.79 -31.74 16.21
N ALA A 229 -20.84 -30.92 15.69
CA ALA A 229 -20.85 -29.45 15.73
C ALA A 229 -22.11 -28.84 15.09
N ILE A 230 -22.65 -29.51 14.04
CA ILE A 230 -23.87 -29.08 13.35
C ILE A 230 -25.06 -29.14 14.32
N PHE A 231 -25.06 -30.15 15.23
CA PHE A 231 -26.15 -30.37 16.18
C PHE A 231 -25.92 -29.71 17.52
N ALA A 232 -24.67 -29.56 17.97
CA ALA A 232 -24.38 -28.86 19.21
C ALA A 232 -24.31 -27.32 19.04
N ASN A 233 -24.24 -26.81 17.77
CA ASN A 233 -24.14 -25.38 17.44
C ASN A 233 -22.92 -24.68 18.08
N LYS A 234 -21.86 -25.46 18.33
CA LYS A 234 -20.63 -25.02 18.97
C LYS A 234 -19.46 -25.96 18.67
N GLU A 235 -18.24 -25.49 18.98
CA GLU A 235 -16.98 -26.24 18.83
C GLU A 235 -16.94 -27.31 19.95
N PRO A 236 -16.38 -28.54 19.69
CA PRO A 236 -16.37 -29.57 20.73
C PRO A 236 -15.35 -29.31 21.83
N TYR A 237 -15.32 -30.28 22.78
CA TYR A 237 -14.42 -30.40 23.93
C TYR A 237 -14.34 -29.14 24.81
N GLU A 238 -15.52 -28.48 25.04
CA GLU A 238 -15.75 -27.26 25.84
C GLU A 238 -14.82 -26.08 25.47
N ASN A 239 -14.25 -26.13 24.24
CA ASN A 239 -13.29 -25.16 23.71
C ASN A 239 -12.03 -25.09 24.60
N ALA A 240 -11.63 -26.25 25.17
CA ALA A 240 -10.45 -26.40 26.02
C ALA A 240 -9.23 -26.33 25.12
N ILE A 241 -8.24 -25.50 25.44
CA ILE A 241 -7.00 -25.33 24.65
C ILE A 241 -6.47 -26.72 24.25
N ALA A 242 -6.11 -26.93 22.95
CA ALA A 242 -5.57 -28.22 22.49
C ALA A 242 -4.32 -28.47 23.31
N GLU A 243 -4.36 -29.50 24.16
CA GLU A 243 -3.30 -29.82 25.11
C GLU A 243 -2.97 -31.28 25.03
N GLN A 244 -1.85 -31.67 25.67
CA GLN A 244 -1.41 -33.06 25.73
C GLN A 244 -2.43 -33.91 26.48
N GLN A 245 -3.11 -33.32 27.49
CA GLN A 245 -4.16 -33.99 28.26
C GLN A 245 -5.27 -34.39 27.29
N LEU A 246 -5.76 -33.41 26.51
CA LEU A 246 -6.82 -33.60 25.52
C LEU A 246 -6.44 -34.56 24.40
N ILE A 247 -5.27 -34.35 23.75
CA ILE A 247 -4.73 -35.23 22.68
C ILE A 247 -4.68 -36.69 23.13
N MET A 248 -4.04 -36.95 24.29
CA MET A 248 -3.94 -38.29 24.88
C MET A 248 -5.34 -38.90 25.21
N ALA A 249 -6.28 -38.06 25.65
CA ALA A 249 -7.65 -38.47 25.97
C ALA A 249 -8.37 -38.96 24.73
N ILE A 250 -8.28 -38.17 23.62
CA ILE A 250 -8.86 -38.53 22.32
C ILE A 250 -8.22 -39.82 21.80
N LYS A 251 -6.88 -39.94 21.95
CA LYS A 251 -6.17 -41.13 21.53
C LYS A 251 -6.64 -42.37 22.34
N SER A 252 -6.88 -42.16 23.67
CA SER A 252 -7.38 -43.18 24.60
C SER A 252 -8.77 -43.71 24.15
N GLY A 253 -9.62 -42.81 23.66
CA GLY A 253 -10.94 -43.15 23.13
C GLY A 253 -12.00 -42.08 23.28
N ASN A 254 -11.62 -40.95 23.90
CA ASN A 254 -12.52 -39.83 24.17
C ASN A 254 -13.03 -39.16 22.87
N ARG A 255 -14.33 -38.86 22.84
CA ARG A 255 -14.99 -38.24 21.68
C ARG A 255 -15.86 -37.11 22.18
N PRO A 256 -16.30 -36.17 21.33
CA PRO A 256 -17.21 -35.11 21.85
C PRO A 256 -18.44 -35.73 22.52
N ASP A 257 -18.91 -35.09 23.61
CA ASP A 257 -20.07 -35.55 24.37
C ASP A 257 -21.34 -35.49 23.54
N VAL A 258 -21.90 -36.67 23.20
CA VAL A 258 -23.16 -36.79 22.44
C VAL A 258 -24.34 -36.18 23.24
N ASP A 259 -24.29 -36.31 24.59
CA ASP A 259 -25.29 -35.80 25.52
C ASP A 259 -25.18 -34.28 25.71
N ASP A 260 -24.16 -33.67 25.12
CA ASP A 260 -23.97 -32.24 25.14
C ASP A 260 -24.76 -31.57 23.99
N ILE A 261 -25.49 -32.38 23.22
CA ILE A 261 -26.39 -31.90 22.17
C ILE A 261 -27.75 -31.72 22.85
N THR A 262 -28.19 -30.46 22.95
CA THR A 262 -29.47 -30.11 23.58
C THR A 262 -30.66 -30.25 22.61
N GLU A 263 -30.52 -29.73 21.35
CA GLU A 263 -31.58 -29.84 20.34
C GLU A 263 -31.75 -31.28 19.82
N TYR A 264 -32.86 -31.52 19.11
CA TYR A 264 -33.14 -32.85 18.58
C TYR A 264 -32.16 -33.26 17.48
N CYS A 265 -31.56 -34.43 17.68
CA CYS A 265 -30.67 -35.02 16.72
C CYS A 265 -31.17 -36.45 16.45
N PRO A 266 -31.63 -36.76 15.21
CA PRO A 266 -32.15 -38.12 14.95
C PRO A 266 -31.18 -39.26 15.21
N ARG A 267 -31.71 -40.41 15.64
CA ARG A 267 -31.03 -41.65 15.98
C ARG A 267 -29.98 -42.03 14.91
N GLU A 268 -30.34 -41.89 13.63
CA GLU A 268 -29.54 -42.21 12.45
C GLU A 268 -28.27 -41.37 12.36
N ILE A 269 -28.37 -40.06 12.68
CA ILE A 269 -27.26 -39.10 12.66
C ILE A 269 -26.28 -39.32 13.85
N ILE A 270 -26.79 -39.77 15.01
CA ILE A 270 -25.93 -40.09 16.15
C ILE A 270 -25.15 -41.34 15.83
N SER A 271 -25.79 -42.32 15.19
CA SER A 271 -25.15 -43.57 14.78
C SER A 271 -24.08 -43.30 13.75
N LEU A 272 -24.39 -42.43 12.78
CA LEU A 272 -23.48 -42.04 11.71
C LEU A 272 -22.21 -41.37 12.27
N MET A 273 -22.35 -40.39 13.20
CA MET A 273 -21.18 -39.73 13.78
C MET A 273 -20.35 -40.69 14.63
N LYS A 274 -21.00 -41.63 15.39
CA LYS A 274 -20.35 -42.63 16.23
C LYS A 274 -19.59 -43.65 15.41
N LEU A 275 -20.08 -43.92 14.20
CA LEU A 275 -19.44 -44.85 13.28
C LEU A 275 -18.27 -44.19 12.58
N CYS A 276 -18.45 -42.92 12.18
CA CYS A 276 -17.40 -42.18 11.49
C CYS A 276 -16.22 -41.79 12.40
N TRP A 277 -16.41 -41.65 13.73
CA TRP A 277 -15.29 -41.29 14.59
C TRP A 277 -14.66 -42.51 15.32
N GLU A 278 -14.84 -43.71 14.74
CA GLU A 278 -14.24 -44.96 15.22
C GLU A 278 -12.71 -44.85 15.31
N ALA A 279 -12.09 -45.40 16.37
CA ALA A 279 -10.64 -45.38 16.56
C ALA A 279 -9.91 -46.06 15.39
N ASN A 280 -10.42 -47.24 14.95
CA ASN A 280 -9.85 -47.97 13.83
C ASN A 280 -10.33 -47.34 12.50
N PRO A 281 -9.37 -46.77 11.71
CA PRO A 281 -9.74 -46.15 10.41
C PRO A 281 -10.45 -47.09 9.43
N GLU A 282 -10.14 -48.39 9.51
CA GLU A 282 -10.69 -49.42 8.64
C GLU A 282 -12.19 -49.70 8.92
N ALA A 283 -12.66 -49.35 10.14
CA ALA A 283 -14.05 -49.49 10.58
C ALA A 283 -14.96 -48.30 10.17
N ARG A 284 -14.38 -47.23 9.67
CA ARG A 284 -15.09 -46.03 9.24
C ARG A 284 -15.63 -46.23 7.82
N PRO A 285 -16.82 -45.67 7.47
CA PRO A 285 -17.30 -45.82 6.08
C PRO A 285 -16.55 -44.95 5.10
N THR A 286 -16.97 -44.95 3.82
CA THR A 286 -16.43 -44.08 2.77
C THR A 286 -17.51 -43.03 2.56
N PHE A 287 -17.19 -41.93 1.86
CA PHE A 287 -18.21 -40.92 1.55
C PHE A 287 -19.28 -41.45 0.57
N PRO A 288 -18.93 -42.25 -0.50
CA PRO A 288 -20.00 -42.83 -1.34
C PRO A 288 -20.88 -43.79 -0.52
N GLY A 289 -20.28 -44.47 0.45
CA GLY A 289 -20.98 -45.34 1.39
C GLY A 289 -21.97 -44.58 2.25
N ILE A 290 -21.52 -43.42 2.82
CA ILE A 290 -22.34 -42.53 3.65
C ILE A 290 -23.52 -41.98 2.82
N GLU A 291 -23.26 -41.58 1.56
CA GLU A 291 -24.28 -41.03 0.64
C GLU A 291 -25.43 -41.97 0.37
N GLU A 292 -25.11 -43.28 0.14
CA GLU A 292 -26.05 -44.37 -0.12
C GLU A 292 -27.11 -44.49 0.96
N LYS A 293 -26.71 -44.27 2.22
CA LYS A 293 -27.57 -44.37 3.39
C LYS A 293 -28.23 -43.04 3.71
N PHE A 294 -27.46 -41.92 3.63
CA PHE A 294 -27.93 -40.59 4.00
C PHE A 294 -28.91 -39.96 3.00
N ARG A 295 -28.74 -40.15 1.69
CA ARG A 295 -29.69 -39.54 0.73
C ARG A 295 -31.14 -40.04 0.93
N PRO A 296 -31.41 -41.36 1.05
CA PRO A 296 -32.80 -41.79 1.31
C PRO A 296 -33.37 -41.22 2.62
N PHE A 297 -32.55 -41.17 3.70
CA PHE A 297 -32.92 -40.65 5.02
C PHE A 297 -33.28 -39.17 4.98
N TYR A 298 -32.51 -38.36 4.23
CA TYR A 298 -32.78 -36.94 4.12
C TYR A 298 -34.09 -36.70 3.35
N LEU A 299 -34.27 -37.40 2.22
CA LEU A 299 -35.46 -37.25 1.39
C LEU A 299 -36.77 -37.63 2.09
N SER A 300 -36.79 -38.81 2.71
CA SER A 300 -37.97 -39.29 3.40
C SER A 300 -38.20 -38.65 4.78
N GLN A 301 -37.14 -38.40 5.57
CA GLN A 301 -37.34 -37.92 6.94
C GLN A 301 -36.94 -36.47 7.23
N LEU A 302 -35.91 -35.92 6.57
CA LEU A 302 -35.47 -34.56 6.93
C LEU A 302 -35.98 -33.44 6.05
N GLU A 303 -36.19 -33.70 4.76
CA GLU A 303 -36.66 -32.71 3.80
C GLU A 303 -38.16 -32.47 3.97
N ILE B 19 36.34 -4.01 7.39
CA ILE B 19 36.52 -2.92 6.42
C ILE B 19 35.27 -2.04 6.48
N LYS B 20 35.45 -0.75 6.75
CA LYS B 20 34.33 0.18 6.77
C LYS B 20 34.25 0.59 5.31
N MET B 21 33.32 -0.03 4.59
CA MET B 21 33.12 0.15 3.16
C MET B 21 32.19 1.32 2.82
N LYS B 22 32.38 1.86 1.60
CA LYS B 22 31.62 2.95 0.98
C LYS B 22 30.88 2.36 -0.21
N SER B 23 29.77 3.00 -0.63
CA SER B 23 29.01 2.54 -1.80
C SER B 23 29.85 2.76 -3.05
N SER B 24 30.72 3.79 -3.02
CA SER B 24 31.65 4.12 -4.09
C SER B 24 32.69 3.02 -4.35
N ASP B 25 32.83 2.05 -3.43
CA ASP B 25 33.75 0.92 -3.58
C ASP B 25 33.15 -0.22 -4.41
N PHE B 26 31.83 -0.13 -4.69
CA PHE B 26 31.07 -1.13 -5.43
C PHE B 26 30.62 -0.57 -6.79
N LEU B 27 30.80 -1.35 -7.89
CA LEU B 27 30.46 -0.92 -9.25
C LEU B 27 28.96 -0.92 -9.53
N VAL B 40 18.89 -9.38 -0.11
CA VAL B 40 20.18 -9.99 -0.46
C VAL B 40 20.51 -9.74 -1.93
N SER B 41 21.73 -9.25 -2.21
CA SER B 41 22.18 -8.97 -3.58
C SER B 41 23.67 -9.25 -3.81
N LEU B 42 24.01 -9.64 -5.04
CA LEU B 42 25.37 -9.87 -5.48
C LEU B 42 25.95 -8.47 -5.70
N ALA B 43 27.21 -8.22 -5.25
CA ALA B 43 27.85 -6.90 -5.37
C ALA B 43 29.30 -7.00 -5.79
N PHE B 44 29.73 -6.14 -6.73
CA PHE B 44 31.11 -6.19 -7.20
C PHE B 44 31.94 -5.04 -6.65
N HIS B 45 32.87 -5.38 -5.75
CA HIS B 45 33.81 -4.46 -5.13
C HIS B 45 34.95 -4.21 -6.12
N ARG B 46 35.24 -2.92 -6.45
CA ARG B 46 36.24 -2.53 -7.46
C ARG B 46 37.64 -3.11 -7.21
N THR B 47 38.01 -3.37 -5.95
CA THR B 47 39.30 -3.93 -5.57
C THR B 47 39.23 -5.42 -5.17
N GLN B 48 38.27 -5.79 -4.30
CA GLN B 48 38.15 -7.14 -3.77
C GLN B 48 37.34 -8.14 -4.62
N GLY B 49 36.40 -7.65 -5.43
CA GLY B 49 35.60 -8.49 -6.32
C GLY B 49 34.20 -8.82 -5.88
N LEU B 50 33.74 -10.02 -6.23
CA LEU B 50 32.41 -10.55 -5.94
C LEU B 50 32.16 -10.79 -4.44
N MET B 51 31.00 -10.32 -3.96
CA MET B 51 30.57 -10.35 -2.56
C MET B 51 29.05 -10.39 -2.48
N ILE B 52 28.50 -10.74 -1.31
CA ILE B 52 27.04 -10.75 -1.08
C ILE B 52 26.77 -9.64 -0.10
N MET B 53 25.72 -8.87 -0.39
CA MET B 53 25.33 -7.72 0.39
C MET B 53 23.87 -7.73 0.76
N LYS B 54 23.59 -7.43 2.03
CA LYS B 54 22.24 -7.24 2.56
C LYS B 54 22.13 -5.81 2.99
N THR B 55 21.26 -5.06 2.31
CA THR B 55 20.99 -3.67 2.66
C THR B 55 19.80 -3.74 3.55
N VAL B 56 19.89 -3.02 4.65
CA VAL B 56 18.83 -2.84 5.63
C VAL B 56 18.46 -1.34 5.45
N TYR B 57 17.32 -1.03 4.80
CA TYR B 57 16.96 0.38 4.50
C TYR B 57 16.03 1.06 5.50
N LYS B 58 16.44 2.27 5.96
CA LYS B 58 15.72 3.09 6.95
C LYS B 58 16.06 4.57 6.71
N GLY B 59 15.45 5.45 7.50
CA GLY B 59 15.74 6.88 7.43
C GLY B 59 17.14 7.20 7.97
N PRO B 60 17.45 8.43 8.39
CA PRO B 60 18.81 8.66 8.91
C PRO B 60 19.00 8.08 10.31
N ASN B 61 20.19 7.55 10.59
CA ASN B 61 20.41 7.08 11.94
C ASN B 61 21.41 8.02 12.56
N CYS B 62 21.22 8.35 13.85
CA CYS B 62 22.11 9.29 14.54
C CYS B 62 23.51 8.69 14.61
N ILE B 63 24.59 9.50 14.46
CA ILE B 63 25.99 9.04 14.45
C ILE B 63 26.38 8.14 15.66
N GLU B 64 25.72 8.37 16.81
CA GLU B 64 25.95 7.68 18.09
C GLU B 64 25.64 6.18 18.00
N HIS B 65 24.52 5.81 17.32
CA HIS B 65 24.04 4.44 17.10
C HIS B 65 24.94 3.63 16.14
N ASN B 66 25.56 4.35 15.17
CA ASN B 66 26.53 3.84 14.19
C ASN B 66 27.77 3.23 14.83
N GLU B 67 28.28 3.82 15.93
CA GLU B 67 29.45 3.31 16.65
C GLU B 67 29.16 1.92 17.20
N ALA B 68 27.91 1.68 17.71
CA ALA B 68 27.43 0.39 18.26
C ALA B 68 27.34 -0.64 17.16
N LEU B 69 26.70 -0.29 16.01
CA LEU B 69 26.57 -1.18 14.84
C LEU B 69 27.96 -1.61 14.33
N LEU B 70 28.90 -0.66 14.21
CA LEU B 70 30.28 -0.92 13.79
C LEU B 70 31.01 -1.84 14.78
N GLU B 71 30.74 -1.66 16.08
CA GLU B 71 31.34 -2.47 17.13
C GLU B 71 30.78 -3.86 17.12
N GLU B 72 29.49 -4.00 16.83
CA GLU B 72 28.84 -5.30 16.71
C GLU B 72 29.50 -6.11 15.59
N ALA B 73 29.73 -5.47 14.41
CA ALA B 73 30.36 -6.09 13.25
C ALA B 73 31.79 -6.51 13.57
N LYS B 74 32.53 -5.64 14.28
CA LYS B 74 33.92 -5.86 14.72
C LYS B 74 34.03 -7.14 15.58
N MET B 75 33.08 -7.30 16.52
CA MET B 75 32.98 -8.42 17.45
C MET B 75 32.65 -9.71 16.74
N MET B 76 31.72 -9.65 15.81
CA MET B 76 31.28 -10.81 15.04
C MET B 76 32.31 -11.25 14.02
N ASN B 77 33.13 -10.29 13.52
CA ASN B 77 34.21 -10.56 12.58
C ASN B 77 35.39 -11.22 13.33
N ARG B 78 35.31 -11.30 14.68
CA ARG B 78 36.32 -11.99 15.49
C ARG B 78 36.14 -13.54 15.45
N LEU B 79 34.95 -14.01 15.04
CA LEU B 79 34.65 -15.44 14.86
C LEU B 79 35.29 -15.87 13.53
N ARG B 80 36.58 -16.27 13.62
CA ARG B 80 37.46 -16.58 12.50
C ARG B 80 37.81 -18.06 12.47
N HIS B 81 37.22 -18.80 11.54
CA HIS B 81 37.39 -20.25 11.35
C HIS B 81 37.02 -20.57 9.90
N SER B 82 37.64 -21.60 9.30
CA SER B 82 37.41 -21.98 7.90
C SER B 82 35.96 -22.42 7.59
N ARG B 83 35.26 -22.95 8.59
CA ARG B 83 33.89 -23.44 8.44
C ARG B 83 32.86 -22.46 9.04
N VAL B 84 33.25 -21.18 9.25
CA VAL B 84 32.41 -20.10 9.75
C VAL B 84 32.55 -18.89 8.75
N VAL B 85 31.39 -18.31 8.30
CA VAL B 85 31.30 -17.21 7.32
C VAL B 85 32.10 -16.03 7.71
N LYS B 86 32.79 -15.43 6.72
CA LYS B 86 33.55 -14.21 6.89
C LYS B 86 32.66 -13.06 6.51
N LEU B 87 32.54 -12.09 7.45
CA LEU B 87 31.85 -10.84 7.26
C LEU B 87 33.01 -9.98 6.81
N LEU B 88 32.96 -9.48 5.56
CA LEU B 88 34.03 -8.71 4.95
C LEU B 88 34.01 -7.25 5.31
N GLY B 89 32.82 -6.66 5.41
CA GLY B 89 32.68 -5.25 5.73
C GLY B 89 31.28 -4.77 6.01
N VAL B 90 31.17 -3.47 6.28
CA VAL B 90 29.91 -2.78 6.54
C VAL B 90 29.82 -1.50 5.74
N ILE B 91 28.61 -1.11 5.39
CA ILE B 91 28.34 0.18 4.78
C ILE B 91 27.42 0.92 5.75
N ILE B 92 27.97 1.95 6.39
CA ILE B 92 27.24 2.80 7.32
C ILE B 92 27.28 4.18 6.67
N GLU B 93 26.15 4.59 6.08
CA GLU B 93 26.03 5.89 5.43
C GLU B 93 24.72 6.55 5.85
N GLU B 94 24.53 7.83 5.47
CA GLU B 94 23.31 8.56 5.81
C GLU B 94 22.10 7.82 5.26
N GLY B 95 21.35 7.20 6.17
CA GLY B 95 20.15 6.43 5.86
C GLY B 95 20.33 5.11 5.12
N LYS B 96 21.59 4.67 4.95
CA LYS B 96 21.87 3.41 4.24
C LYS B 96 22.81 2.52 5.06
N TYR B 97 22.31 1.37 5.51
CA TYR B 97 23.06 0.42 6.34
C TYR B 97 23.09 -0.93 5.68
N SER B 98 24.29 -1.43 5.43
CA SER B 98 24.50 -2.68 4.71
C SER B 98 25.57 -3.54 5.37
N LEU B 99 25.42 -4.87 5.25
CA LEU B 99 26.40 -5.85 5.71
C LEU B 99 26.95 -6.57 4.48
N VAL B 100 28.26 -6.84 4.44
CA VAL B 100 28.89 -7.47 3.28
C VAL B 100 29.61 -8.75 3.72
N MET B 101 29.19 -9.88 3.19
CA MET B 101 29.82 -11.16 3.52
C MET B 101 30.52 -11.69 2.29
N GLU B 102 31.38 -12.70 2.45
CA GLU B 102 32.07 -13.33 1.34
C GLU B 102 31.09 -14.03 0.35
N TYR B 103 31.42 -14.09 -0.95
CA TYR B 103 30.46 -14.72 -1.85
C TYR B 103 30.55 -16.24 -1.75
N MET B 104 29.39 -16.93 -1.67
CA MET B 104 29.33 -18.39 -1.62
C MET B 104 28.40 -18.87 -2.74
N GLU B 105 28.93 -19.69 -3.67
CA GLU B 105 28.28 -20.04 -4.94
C GLU B 105 27.16 -21.07 -4.96
N LYS B 106 27.43 -22.33 -4.60
CA LYS B 106 26.44 -23.44 -4.73
C LYS B 106 25.06 -23.23 -4.06
N GLY B 107 24.96 -22.29 -3.13
CA GLY B 107 23.72 -21.96 -2.43
C GLY B 107 23.85 -22.25 -0.95
N ASN B 108 22.84 -22.89 -0.38
CA ASN B 108 22.81 -23.36 0.99
C ASN B 108 22.66 -24.88 0.93
N LEU B 109 22.74 -25.57 2.09
CA LEU B 109 22.66 -27.01 2.15
C LEU B 109 21.41 -27.57 1.49
N MET B 110 20.25 -26.87 1.60
CA MET B 110 19.02 -27.35 0.98
C MET B 110 19.02 -27.21 -0.55
N HIS B 111 19.60 -26.13 -1.13
CA HIS B 111 19.69 -25.99 -2.59
C HIS B 111 20.50 -27.17 -3.16
N VAL B 112 21.50 -27.64 -2.40
CA VAL B 112 22.34 -28.79 -2.75
C VAL B 112 21.58 -30.13 -2.60
N LEU B 113 20.86 -30.34 -1.49
CA LEU B 113 20.14 -31.57 -1.21
C LEU B 113 18.93 -31.80 -2.14
N LYS B 114 18.25 -30.72 -2.58
CA LYS B 114 17.09 -30.75 -3.47
C LYS B 114 17.46 -30.54 -4.96
N ALA B 115 18.78 -30.56 -5.27
CA ALA B 115 19.31 -30.43 -6.63
C ALA B 115 19.30 -31.75 -7.38
N GLU B 116 19.30 -31.67 -8.74
CA GLU B 116 19.28 -32.78 -9.70
C GLU B 116 20.52 -33.71 -9.60
N MET B 117 21.72 -33.11 -9.44
CA MET B 117 23.00 -33.80 -9.31
C MET B 117 23.13 -34.57 -7.96
N SER B 118 23.68 -35.82 -8.03
CA SER B 118 23.89 -36.68 -6.86
C SER B 118 25.11 -36.29 -6.02
N THR B 119 24.90 -36.24 -4.70
CA THR B 119 25.93 -35.91 -3.72
C THR B 119 26.44 -37.24 -3.13
N PRO B 120 27.68 -37.65 -3.41
CA PRO B 120 28.19 -38.94 -2.87
C PRO B 120 28.31 -39.00 -1.36
N LEU B 121 28.34 -40.21 -0.78
CA LEU B 121 28.49 -40.45 0.65
C LEU B 121 29.80 -39.87 1.19
N SER B 122 30.88 -39.84 0.37
CA SER B 122 32.19 -39.28 0.74
C SER B 122 32.12 -37.75 0.87
N VAL B 123 31.24 -37.10 0.07
CA VAL B 123 31.02 -35.65 0.10
C VAL B 123 30.17 -35.26 1.30
N LYS B 124 29.06 -36.00 1.55
CA LYS B 124 28.15 -35.82 2.67
C LYS B 124 28.88 -35.92 4.01
N GLY B 125 29.76 -36.94 4.15
CA GLY B 125 30.59 -37.16 5.33
C GLY B 125 31.49 -35.98 5.61
N ARG B 126 32.03 -35.38 4.53
CA ARG B 126 32.89 -34.20 4.55
C ARG B 126 32.11 -32.97 5.04
N ILE B 127 30.88 -32.76 4.49
CA ILE B 127 29.94 -31.70 4.85
C ILE B 127 29.58 -31.77 6.35
N ILE B 128 29.29 -32.99 6.83
CA ILE B 128 28.95 -33.28 8.23
C ILE B 128 30.10 -32.91 9.18
N LEU B 129 31.31 -33.42 8.87
CA LEU B 129 32.50 -33.16 9.69
C LEU B 129 32.80 -31.66 9.82
N GLU B 130 32.66 -30.94 8.70
CA GLU B 130 32.85 -29.50 8.62
C GLU B 130 31.79 -28.74 9.43
N ILE B 131 30.54 -29.26 9.50
CA ILE B 131 29.48 -28.67 10.32
C ILE B 131 29.85 -28.87 11.80
N ILE B 132 30.35 -30.08 12.16
CA ILE B 132 30.80 -30.40 13.50
C ILE B 132 31.93 -29.45 13.95
N GLU B 133 32.96 -29.26 13.07
CA GLU B 133 34.12 -28.37 13.28
C GLU B 133 33.69 -26.92 13.55
N GLY B 134 32.89 -26.36 12.63
CA GLY B 134 32.36 -25.00 12.71
C GLY B 134 31.52 -24.78 13.95
N MET B 135 30.70 -25.77 14.33
CA MET B 135 29.86 -25.73 15.52
C MET B 135 30.66 -25.86 16.81
N ALA B 136 31.67 -26.78 16.85
CA ALA B 136 32.57 -26.96 17.99
C ALA B 136 33.40 -25.65 18.20
N TYR B 137 33.81 -24.97 17.08
CA TYR B 137 34.52 -23.69 17.15
C TYR B 137 33.64 -22.64 17.79
N LEU B 138 32.37 -22.50 17.30
CA LEU B 138 31.41 -21.50 17.80
C LEU B 138 31.09 -21.68 19.26
N HIS B 139 30.94 -22.94 19.71
CA HIS B 139 30.66 -23.23 21.11
C HIS B 139 31.85 -22.93 22.01
N GLY B 140 33.07 -23.17 21.50
CA GLY B 140 34.33 -22.85 22.16
C GLY B 140 34.54 -21.36 22.36
N LYS B 141 33.92 -20.54 21.49
CA LYS B 141 33.96 -19.08 21.58
C LYS B 141 32.76 -18.53 22.42
N GLY B 142 31.96 -19.45 22.97
CA GLY B 142 30.80 -19.14 23.78
C GLY B 142 29.61 -18.59 23.02
N VAL B 143 29.50 -18.96 21.74
CA VAL B 143 28.42 -18.49 20.87
C VAL B 143 27.44 -19.64 20.68
N ILE B 144 26.16 -19.42 21.08
CA ILE B 144 25.10 -20.38 20.81
C ILE B 144 24.40 -19.82 19.60
N HIS B 145 24.38 -20.62 18.52
CA HIS B 145 23.79 -20.26 17.23
C HIS B 145 22.31 -19.89 17.34
N LYS B 146 21.53 -20.84 17.91
CA LYS B 146 20.11 -20.82 18.23
C LYS B 146 19.28 -21.33 17.07
N ASP B 147 19.56 -20.83 15.85
CA ASP B 147 18.83 -21.20 14.63
C ASP B 147 19.73 -21.91 13.56
N LEU B 148 20.23 -23.10 13.94
CA LEU B 148 20.99 -23.92 13.04
C LEU B 148 20.00 -24.73 12.22
N LYS B 149 20.07 -24.54 10.89
CA LYS B 149 19.21 -25.14 9.87
C LYS B 149 19.97 -25.13 8.52
N PRO B 150 19.56 -25.93 7.49
CA PRO B 150 20.26 -25.93 6.19
C PRO B 150 20.37 -24.61 5.43
N GLU B 151 19.52 -23.63 5.77
CA GLU B 151 19.52 -22.30 5.15
C GLU B 151 20.72 -21.49 5.64
N ASN B 152 21.25 -21.88 6.83
CA ASN B 152 22.38 -21.26 7.49
C ASN B 152 23.69 -22.01 7.23
N ILE B 153 23.65 -23.06 6.41
CA ILE B 153 24.86 -23.78 6.04
C ILE B 153 25.13 -23.50 4.57
N LEU B 154 26.04 -22.58 4.30
CA LEU B 154 26.38 -22.16 2.96
C LEU B 154 27.33 -23.14 2.32
N VAL B 155 27.02 -23.56 1.08
CA VAL B 155 27.81 -24.56 0.37
C VAL B 155 28.55 -23.95 -0.82
N ASP B 156 29.87 -24.16 -0.89
CA ASP B 156 30.70 -23.62 -1.97
C ASP B 156 30.74 -24.56 -3.19
N ASN B 157 31.47 -24.15 -4.26
CA ASN B 157 31.65 -24.91 -5.49
C ASN B 157 32.25 -26.29 -5.21
N ASP B 158 33.27 -26.31 -4.33
CA ASP B 158 33.95 -27.54 -3.96
C ASP B 158 33.21 -28.37 -2.91
N PHE B 159 31.98 -27.94 -2.50
CA PHE B 159 31.14 -28.55 -1.47
C PHE B 159 31.69 -28.43 -0.05
N HIS B 160 32.46 -27.37 0.20
CA HIS B 160 32.98 -26.99 1.50
C HIS B 160 31.92 -26.06 2.08
N ILE B 161 31.65 -26.20 3.38
CA ILE B 161 30.59 -25.42 3.97
C ILE B 161 31.09 -24.38 4.90
N LYS B 162 30.21 -23.44 5.22
CA LYS B 162 30.46 -22.39 6.16
C LYS B 162 29.18 -22.14 6.91
N ILE B 163 29.25 -22.09 8.26
CA ILE B 163 28.08 -21.80 9.11
C ILE B 163 27.85 -20.28 9.13
N ALA B 164 26.62 -19.88 8.80
CA ALA B 164 26.18 -18.49 8.73
C ALA B 164 25.08 -18.22 9.75
N ASP B 165 24.72 -16.93 9.93
CA ASP B 165 23.63 -16.45 10.77
C ASP B 165 22.91 -15.39 9.92
N LEU B 166 22.26 -15.82 8.85
CA LEU B 166 21.61 -14.94 7.86
C LEU B 166 20.36 -14.23 8.39
N GLY B 167 19.82 -14.76 9.50
CA GLY B 167 18.68 -14.17 10.20
C GLY B 167 19.10 -13.12 11.23
N LEU B 168 20.42 -13.00 11.45
CA LEU B 168 21.09 -12.07 12.34
C LEU B 168 20.69 -12.28 13.81
N ALA B 169 20.31 -13.52 14.19
CA ALA B 169 19.91 -13.92 15.55
C ALA B 169 20.90 -13.48 16.63
N SER B 170 22.19 -13.64 16.37
CA SER B 170 23.25 -13.28 17.31
C SER B 170 23.71 -11.77 17.18
N PHE B 171 23.10 -10.96 16.26
CA PHE B 171 23.42 -9.53 16.06
C PHE B 171 22.35 -8.68 16.69
N LYS B 172 22.55 -8.24 17.94
CA LYS B 172 21.57 -7.47 18.70
C LYS B 172 21.20 -6.12 18.05
N MET B 173 22.22 -5.36 17.67
CA MET B 173 22.06 -4.02 17.11
C MET B 173 21.57 -4.05 15.67
N TRP B 174 22.08 -5.00 14.86
CA TRP B 174 21.69 -5.13 13.46
C TRP B 174 20.29 -5.70 13.34
N SER B 175 19.83 -6.51 14.32
CA SER B 175 18.46 -7.02 14.35
C SER B 175 17.53 -5.85 14.71
N LYS B 176 17.94 -5.02 15.70
CA LYS B 176 17.21 -3.83 16.13
C LYS B 176 17.03 -2.92 14.91
N LEU B 177 18.16 -2.59 14.23
CA LEU B 177 18.24 -1.74 13.03
C LEU B 177 17.27 -2.21 11.94
N ASN B 178 17.19 -3.51 11.73
CA ASN B 178 16.32 -4.15 10.75
C ASN B 178 14.82 -3.92 11.08
N ASN B 179 14.41 -4.29 12.32
CA ASN B 179 13.03 -4.22 12.82
C ASN B 179 12.58 -2.79 13.16
N GLY B 197 11.82 -17.65 11.21
CA GLY B 197 12.24 -18.80 12.03
C GLY B 197 11.51 -20.09 11.69
N THR B 198 12.27 -21.21 11.52
CA THR B 198 11.67 -22.50 11.18
C THR B 198 11.72 -23.51 12.32
N LEU B 199 10.51 -24.05 12.57
CA LEU B 199 10.14 -25.04 13.57
C LEU B 199 10.81 -26.40 13.46
N TYR B 200 11.10 -26.86 12.24
CA TYR B 200 11.67 -28.19 11.93
C TYR B 200 12.97 -28.61 12.67
N TYR B 201 13.85 -27.64 12.95
CA TYR B 201 15.17 -27.87 13.50
C TYR B 201 15.32 -27.41 14.94
N MET B 202 14.20 -26.95 15.53
CA MET B 202 14.11 -26.43 16.89
C MET B 202 13.95 -27.53 17.93
N ALA B 203 14.77 -27.49 19.00
CA ALA B 203 14.75 -28.45 20.10
C ALA B 203 13.42 -28.43 20.80
N PRO B 204 12.86 -29.61 21.20
CA PRO B 204 11.50 -29.64 21.79
C PRO B 204 11.23 -28.66 22.92
N GLU B 205 12.23 -28.50 23.79
CA GLU B 205 12.20 -27.57 24.92
C GLU B 205 11.83 -26.11 24.56
N HIS B 206 12.06 -25.67 23.30
CA HIS B 206 11.79 -24.29 22.86
C HIS B 206 10.45 -24.11 22.15
N LEU B 207 9.81 -25.23 21.80
CA LEU B 207 8.51 -25.19 21.13
C LEU B 207 7.45 -24.85 22.20
N ASN B 208 6.69 -23.76 21.96
CA ASN B 208 5.64 -23.23 22.86
C ASN B 208 6.18 -22.61 24.17
N ASP B 209 7.51 -22.67 24.40
CA ASP B 209 8.11 -22.10 25.60
C ASP B 209 9.01 -20.94 25.24
N VAL B 210 8.50 -19.73 25.56
CA VAL B 210 9.18 -18.45 25.31
C VAL B 210 10.35 -18.26 26.27
N ASN B 211 10.16 -18.67 27.52
CA ASN B 211 11.16 -18.50 28.59
C ASN B 211 12.30 -19.52 28.60
N ALA B 212 12.28 -20.51 27.69
CA ALA B 212 13.36 -21.51 27.58
C ALA B 212 14.67 -20.85 27.04
N LYS B 213 15.73 -20.87 27.87
CA LYS B 213 17.01 -20.29 27.52
C LYS B 213 17.72 -21.24 26.55
N PRO B 214 18.06 -20.79 25.32
CA PRO B 214 18.76 -21.67 24.37
C PRO B 214 20.18 -21.93 24.82
N THR B 215 20.56 -23.21 24.89
CA THR B 215 21.88 -23.65 25.32
C THR B 215 22.61 -24.35 24.19
N GLU B 216 23.83 -24.81 24.45
CA GLU B 216 24.63 -25.55 23.46
C GLU B 216 23.90 -26.83 23.00
N LYS B 217 23.01 -27.40 23.87
CA LYS B 217 22.25 -28.64 23.63
C LYS B 217 21.13 -28.48 22.63
N SER B 218 20.57 -27.26 22.51
CA SER B 218 19.56 -26.83 21.52
C SER B 218 20.19 -26.96 20.13
N ASP B 219 21.44 -26.41 19.96
CA ASP B 219 22.22 -26.45 18.72
C ASP B 219 22.53 -27.87 18.31
N VAL B 220 22.80 -28.77 19.29
CA VAL B 220 23.08 -30.20 19.03
C VAL B 220 21.81 -30.90 18.43
N TYR B 221 20.59 -30.56 18.95
CA TYR B 221 19.32 -31.08 18.44
C TYR B 221 19.12 -30.71 16.97
N SER B 222 19.38 -29.43 16.62
CA SER B 222 19.28 -28.85 15.27
C SER B 222 20.17 -29.63 14.29
N PHE B 223 21.42 -29.94 14.73
CA PHE B 223 22.40 -30.70 13.97
C PHE B 223 21.88 -32.08 13.59
N ALA B 224 21.20 -32.77 14.53
CA ALA B 224 20.58 -34.09 14.38
C ALA B 224 19.58 -34.15 13.20
N VAL B 225 18.74 -33.09 13.08
CA VAL B 225 17.70 -32.94 12.04
C VAL B 225 18.38 -32.59 10.71
N VAL B 226 19.41 -31.72 10.75
CA VAL B 226 20.20 -31.34 9.58
C VAL B 226 20.89 -32.61 9.04
N LEU B 227 21.45 -33.41 9.96
CA LEU B 227 22.12 -34.67 9.67
C LEU B 227 21.11 -35.62 8.96
N TRP B 228 19.89 -35.74 9.50
CA TRP B 228 18.82 -36.55 8.92
C TRP B 228 18.54 -36.05 7.51
N ALA B 229 18.35 -34.72 7.36
CA ALA B 229 18.05 -34.05 6.09
C ALA B 229 19.11 -34.32 5.01
N ILE B 230 20.39 -34.49 5.42
CA ILE B 230 21.50 -34.78 4.50
C ILE B 230 21.30 -36.15 3.84
N PHE B 231 20.99 -37.20 4.62
CA PHE B 231 20.76 -38.55 4.11
C PHE B 231 19.37 -38.80 3.51
N ALA B 232 18.38 -37.97 3.87
CA ALA B 232 17.02 -38.10 3.36
C ALA B 232 16.84 -37.30 2.07
N ASN B 233 17.66 -36.28 1.85
CA ASN B 233 17.69 -35.38 0.67
C ASN B 233 16.43 -34.52 0.54
N LYS B 234 15.82 -34.22 1.69
CA LYS B 234 14.62 -33.40 1.81
C LYS B 234 14.49 -32.87 3.24
N GLU B 235 13.56 -31.91 3.43
CA GLU B 235 13.18 -31.34 4.74
C GLU B 235 12.31 -32.40 5.46
N PRO B 236 12.32 -32.47 6.80
CA PRO B 236 11.47 -33.47 7.49
C PRO B 236 9.98 -33.09 7.53
N TYR B 237 9.20 -33.96 8.23
CA TYR B 237 7.79 -33.84 8.58
C TYR B 237 6.80 -33.45 7.50
N GLU B 238 6.92 -34.13 6.31
CA GLU B 238 5.93 -33.93 5.27
C GLU B 238 4.66 -34.68 5.75
N ASN B 239 3.48 -34.28 5.22
CA ASN B 239 2.18 -34.78 5.61
C ASN B 239 1.85 -34.50 7.12
N ALA B 240 2.34 -33.34 7.59
CA ALA B 240 1.99 -32.73 8.88
C ALA B 240 0.94 -31.74 8.39
N ILE B 241 -0.28 -31.84 8.93
CA ILE B 241 -1.45 -31.05 8.55
C ILE B 241 -1.45 -29.64 9.15
N ALA B 242 -1.17 -29.56 10.45
CA ALA B 242 -1.20 -28.32 11.20
C ALA B 242 0.04 -28.10 12.07
N GLU B 243 0.39 -26.81 12.28
CA GLU B 243 1.52 -26.36 13.09
C GLU B 243 1.39 -26.88 14.54
N GLN B 244 0.21 -26.79 15.15
CA GLN B 244 -0.02 -27.29 16.51
C GLN B 244 0.07 -28.82 16.60
N GLN B 245 -0.24 -29.53 15.51
CA GLN B 245 -0.12 -30.98 15.47
C GLN B 245 1.38 -31.33 15.57
N LEU B 246 2.19 -30.70 14.69
CA LEU B 246 3.66 -30.82 14.62
C LEU B 246 4.34 -30.40 15.93
N ILE B 247 3.99 -29.23 16.51
CA ILE B 247 4.55 -28.78 17.78
C ILE B 247 4.35 -29.83 18.86
N MET B 248 3.09 -30.28 19.05
CA MET B 248 2.74 -31.27 20.07
C MET B 248 3.38 -32.61 19.86
N ALA B 249 3.43 -33.08 18.61
CA ALA B 249 4.05 -34.35 18.25
C ALA B 249 5.57 -34.37 18.55
N ILE B 250 6.29 -33.27 18.25
CA ILE B 250 7.74 -33.15 18.50
C ILE B 250 7.99 -33.13 20.04
N LYS B 251 7.20 -32.32 20.78
CA LYS B 251 7.25 -32.22 22.25
C LYS B 251 6.99 -33.58 22.91
N SER B 252 6.30 -34.49 22.20
CA SER B 252 5.92 -35.81 22.68
C SER B 252 6.93 -36.91 22.32
N GLY B 253 7.84 -36.62 21.41
CA GLY B 253 8.88 -37.57 21.04
C GLY B 253 8.92 -37.98 19.58
N ASN B 254 8.08 -37.35 18.75
CA ASN B 254 8.06 -37.60 17.32
C ASN B 254 9.30 -36.95 16.73
N ARG B 255 9.96 -37.63 15.79
CA ARG B 255 11.19 -37.18 15.17
C ARG B 255 11.15 -37.44 13.70
N PRO B 256 12.08 -36.87 12.88
CA PRO B 256 12.04 -37.17 11.44
C PRO B 256 12.07 -38.69 11.22
N ASP B 257 11.30 -39.17 10.23
CA ASP B 257 11.19 -40.60 9.94
C ASP B 257 12.53 -41.19 9.55
N VAL B 258 13.08 -42.09 10.38
CA VAL B 258 14.36 -42.76 10.12
C VAL B 258 14.28 -43.50 8.78
N ASP B 259 13.11 -44.10 8.48
CA ASP B 259 12.80 -44.95 7.32
C ASP B 259 12.69 -44.34 5.92
N ASP B 260 12.34 -43.06 5.77
CA ASP B 260 12.24 -42.42 4.44
C ASP B 260 13.59 -42.09 3.79
N ILE B 261 14.67 -42.62 4.38
CA ILE B 261 16.05 -42.51 3.93
C ILE B 261 16.24 -43.70 2.96
N THR B 262 15.88 -43.47 1.68
CA THR B 262 15.99 -44.44 0.59
C THR B 262 17.46 -44.83 0.30
N GLU B 263 18.35 -43.81 0.24
CA GLU B 263 19.78 -44.02 -0.01
C GLU B 263 20.51 -44.60 1.21
N TYR B 264 21.73 -45.13 0.98
CA TYR B 264 22.55 -45.73 2.04
C TYR B 264 23.00 -44.70 3.08
N CYS B 265 22.74 -45.02 4.34
CA CYS B 265 23.10 -44.22 5.49
C CYS B 265 23.59 -45.21 6.56
N PRO B 266 24.90 -45.20 6.94
CA PRO B 266 25.39 -46.18 7.93
C PRO B 266 24.63 -46.16 9.27
N ARG B 267 24.48 -47.35 9.89
CA ARG B 267 23.79 -47.58 11.17
C ARG B 267 24.37 -46.72 12.32
N GLU B 268 25.66 -46.36 12.21
CA GLU B 268 26.42 -45.54 13.17
C GLU B 268 25.90 -44.09 13.12
N ILE B 269 25.62 -43.58 11.90
CA ILE B 269 25.08 -42.22 11.68
C ILE B 269 23.62 -42.13 12.17
N ILE B 270 22.79 -43.16 11.89
CA ILE B 270 21.40 -43.25 12.34
C ILE B 270 21.35 -43.21 13.86
N SER B 271 22.31 -43.89 14.54
CA SER B 271 22.41 -43.91 16.01
C SER B 271 22.91 -42.56 16.52
N LEU B 272 23.69 -41.85 15.68
CA LEU B 272 24.26 -40.54 16.00
C LEU B 272 23.14 -39.50 16.05
N MET B 273 22.22 -39.51 15.05
CA MET B 273 21.10 -38.57 15.05
C MET B 273 20.08 -38.89 16.12
N LYS B 274 19.86 -40.19 16.45
CA LYS B 274 18.92 -40.57 17.52
C LYS B 274 19.42 -40.06 18.87
N LEU B 275 20.74 -39.99 19.06
CA LEU B 275 21.39 -39.48 20.26
C LEU B 275 21.39 -37.96 20.32
N CYS B 276 21.53 -37.28 19.17
CA CYS B 276 21.53 -35.82 19.15
C CYS B 276 20.11 -35.29 19.22
N TRP B 277 19.10 -36.02 18.71
CA TRP B 277 17.75 -35.50 18.81
C TRP B 277 16.98 -36.10 20.02
N GLU B 278 17.73 -36.59 21.00
CA GLU B 278 17.23 -37.12 22.27
C GLU B 278 16.38 -36.07 22.98
N ALA B 279 15.26 -36.51 23.58
CA ALA B 279 14.26 -35.69 24.28
C ALA B 279 14.86 -34.83 25.37
N ASN B 280 15.67 -35.47 26.25
CA ASN B 280 16.36 -34.84 27.37
C ASN B 280 17.62 -34.12 26.85
N PRO B 281 17.77 -32.79 27.08
CA PRO B 281 18.98 -32.08 26.58
C PRO B 281 20.32 -32.63 27.10
N GLU B 282 20.35 -32.98 28.42
CA GLU B 282 21.50 -33.54 29.15
C GLU B 282 22.04 -34.84 28.57
N ALA B 283 21.17 -35.61 27.87
CA ALA B 283 21.49 -36.87 27.24
C ALA B 283 22.16 -36.73 25.85
N ARG B 284 22.13 -35.51 25.26
CA ARG B 284 22.71 -35.20 23.95
C ARG B 284 24.23 -34.99 24.08
N PRO B 285 25.07 -35.41 23.10
CA PRO B 285 26.51 -35.14 23.21
C PRO B 285 26.86 -33.67 22.94
N THR B 286 28.11 -33.28 23.19
CA THR B 286 28.61 -31.93 22.87
C THR B 286 29.19 -32.06 21.46
N PHE B 287 29.45 -30.93 20.75
CA PHE B 287 30.05 -31.01 19.41
C PHE B 287 31.48 -31.59 19.44
N PRO B 288 32.36 -31.24 20.42
CA PRO B 288 33.66 -31.91 20.51
C PRO B 288 33.50 -33.42 20.72
N GLY B 289 32.45 -33.84 21.42
CA GLY B 289 32.11 -35.24 21.64
C GLY B 289 31.69 -35.95 20.38
N ILE B 290 30.94 -35.24 19.50
CA ILE B 290 30.48 -35.77 18.22
C ILE B 290 31.69 -35.96 17.29
N GLU B 291 32.61 -34.96 17.27
CA GLU B 291 33.85 -34.93 16.46
C GLU B 291 34.73 -36.14 16.71
N GLU B 292 34.93 -36.47 18.00
CA GLU B 292 35.70 -37.61 18.54
C GLU B 292 35.29 -38.93 17.89
N LYS B 293 33.98 -39.22 17.84
CA LYS B 293 33.45 -40.44 17.25
C LYS B 293 33.44 -40.35 15.72
N PHE B 294 32.85 -39.25 15.17
CA PHE B 294 32.65 -39.08 13.74
C PHE B 294 33.96 -39.00 12.93
N ARG B 295 35.02 -38.31 13.41
CA ARG B 295 36.26 -38.21 12.61
C ARG B 295 36.86 -39.61 12.24
N PRO B 296 37.21 -40.53 13.20
CA PRO B 296 37.75 -41.84 12.78
C PRO B 296 36.78 -42.61 11.87
N PHE B 297 35.46 -42.56 12.16
CA PHE B 297 34.44 -43.20 11.34
C PHE B 297 34.50 -42.66 9.90
N TYR B 298 34.57 -41.32 9.72
CA TYR B 298 34.65 -40.68 8.41
C TYR B 298 35.86 -41.13 7.61
N LEU B 299 37.03 -41.23 8.26
CA LEU B 299 38.29 -41.65 7.62
C LEU B 299 38.28 -43.14 7.20
N SER B 300 37.89 -44.05 8.13
CA SER B 300 37.83 -45.49 7.90
C SER B 300 36.75 -45.93 6.91
N GLN B 301 35.49 -45.50 7.11
CA GLN B 301 34.36 -45.91 6.30
C GLN B 301 33.98 -44.93 5.16
N LEU B 302 33.64 -43.67 5.48
CA LEU B 302 33.16 -42.67 4.52
C LEU B 302 34.22 -42.17 3.52
N GLU B 303 35.50 -42.59 3.70
CA GLU B 303 36.62 -42.22 2.84
C GLU B 303 37.72 -43.30 2.90
N VAL C 18 -37.98 7.60 -8.48
CA VAL C 18 -36.91 6.79 -7.89
C VAL C 18 -37.48 5.70 -6.94
N ILE C 19 -36.79 4.55 -6.88
CA ILE C 19 -37.18 3.42 -6.04
C ILE C 19 -36.44 3.48 -4.71
N LYS C 20 -37.14 3.11 -3.62
CA LYS C 20 -36.55 3.08 -2.29
C LYS C 20 -35.86 1.72 -2.14
N MET C 21 -34.52 1.74 -2.02
CA MET C 21 -33.70 0.54 -1.87
C MET C 21 -33.36 0.27 -0.39
N LYS C 22 -33.05 -1.01 -0.08
CA LYS C 22 -32.65 -1.47 1.26
C LYS C 22 -31.15 -1.80 1.26
N SER C 23 -30.49 -1.75 2.43
CA SER C 23 -29.06 -2.08 2.57
C SER C 23 -28.89 -3.58 2.33
N SER C 24 -29.94 -4.35 2.70
CA SER C 24 -30.09 -5.79 2.54
C SER C 24 -30.35 -6.17 1.05
N ASP C 25 -30.24 -5.21 0.11
CA ASP C 25 -30.41 -5.50 -1.31
C ASP C 25 -29.02 -5.55 -1.96
N PHE C 26 -27.96 -5.37 -1.15
CA PHE C 26 -26.58 -5.38 -1.62
C PHE C 26 -25.76 -6.46 -0.89
N LEU C 27 -24.81 -7.08 -1.61
CA LEU C 27 -23.94 -8.13 -1.09
C LEU C 27 -22.82 -7.59 -0.21
N LYS C 39 -16.99 8.21 1.87
CA LYS C 39 -18.42 8.28 1.57
C LYS C 39 -18.77 7.42 0.36
N VAL C 40 -18.14 7.71 -0.80
CA VAL C 40 -18.35 6.97 -2.05
C VAL C 40 -17.74 5.57 -1.96
N SER C 41 -18.59 4.56 -2.19
CA SER C 41 -18.23 3.16 -2.16
C SER C 41 -18.87 2.39 -3.33
N LEU C 42 -18.20 1.34 -3.80
CA LEU C 42 -18.71 0.48 -4.86
C LEU C 42 -19.61 -0.58 -4.21
N ALA C 43 -20.74 -0.91 -4.86
CA ALA C 43 -21.69 -1.87 -4.31
C ALA C 43 -22.36 -2.74 -5.37
N PHE C 44 -22.60 -4.02 -5.02
CA PHE C 44 -23.25 -4.97 -5.92
C PHE C 44 -24.68 -5.22 -5.46
N HIS C 45 -25.66 -4.74 -6.27
CA HIS C 45 -27.05 -4.97 -6.00
C HIS C 45 -27.30 -6.46 -6.30
N ARG C 46 -28.02 -7.12 -5.38
CA ARG C 46 -28.36 -8.54 -5.45
C ARG C 46 -29.05 -8.94 -6.75
N THR C 47 -29.92 -8.05 -7.29
CA THR C 47 -30.66 -8.30 -8.53
C THR C 47 -30.12 -7.56 -9.73
N GLN C 48 -30.19 -6.21 -9.70
CA GLN C 48 -29.82 -5.34 -10.83
C GLN C 48 -28.34 -5.38 -11.20
N GLY C 49 -27.43 -5.47 -10.24
CA GLY C 49 -25.99 -5.59 -10.52
C GLY C 49 -25.11 -4.53 -9.90
N LEU C 50 -23.91 -4.33 -10.49
CA LEU C 50 -22.89 -3.37 -10.02
C LEU C 50 -23.36 -1.90 -10.01
N MET C 51 -22.98 -1.17 -8.94
CA MET C 51 -23.33 0.23 -8.69
C MET C 51 -22.24 1.00 -7.91
N ILE C 52 -22.48 2.30 -7.71
CA ILE C 52 -21.67 3.22 -6.92
C ILE C 52 -22.67 3.84 -5.93
N MET C 53 -22.26 4.03 -4.67
CA MET C 53 -23.14 4.56 -3.64
C MET C 53 -22.44 5.57 -2.75
N LYS C 54 -23.07 6.74 -2.53
CA LYS C 54 -22.55 7.80 -1.66
C LYS C 54 -23.34 7.76 -0.34
N THR C 55 -22.76 7.14 0.68
CA THR C 55 -23.38 6.96 1.99
C THR C 55 -23.02 8.08 2.96
N VAL C 56 -24.03 8.57 3.68
CA VAL C 56 -23.93 9.64 4.70
C VAL C 56 -24.55 9.13 6.02
N TYR C 57 -23.71 8.94 7.07
CA TYR C 57 -24.19 8.46 8.37
C TYR C 57 -24.57 9.61 9.31
N LYS C 58 -25.78 9.53 9.91
CA LYS C 58 -26.32 10.56 10.81
C LYS C 58 -26.82 9.98 12.13
N HIS C 65 -36.00 15.48 7.86
CA HIS C 65 -36.27 15.44 6.41
C HIS C 65 -36.39 13.99 5.87
N ASN C 66 -36.88 13.08 6.74
CA ASN C 66 -37.09 11.66 6.52
C ASN C 66 -37.85 11.31 5.22
N GLU C 67 -38.94 12.06 4.89
CA GLU C 67 -39.76 11.85 3.68
C GLU C 67 -39.68 13.02 2.66
N ALA C 68 -38.99 14.13 3.02
CA ALA C 68 -38.77 15.31 2.18
C ALA C 68 -37.67 15.08 1.13
N LEU C 69 -36.72 14.16 1.42
CA LEU C 69 -35.62 13.76 0.53
C LEU C 69 -36.16 12.88 -0.62
N LEU C 70 -37.19 12.04 -0.32
CA LEU C 70 -37.83 11.09 -1.24
C LEU C 70 -38.34 11.76 -2.52
N GLU C 71 -39.05 12.90 -2.40
CA GLU C 71 -39.58 13.61 -3.57
C GLU C 71 -38.50 14.42 -4.29
N GLU C 72 -37.45 14.86 -3.56
CA GLU C 72 -36.32 15.60 -4.13
C GLU C 72 -35.56 14.72 -5.12
N ALA C 73 -35.37 13.45 -4.77
CA ALA C 73 -34.70 12.46 -5.62
C ALA C 73 -35.62 12.07 -6.78
N LYS C 74 -36.95 12.09 -6.53
CA LYS C 74 -37.99 11.77 -7.51
C LYS C 74 -38.13 12.92 -8.52
N MET C 75 -37.78 14.14 -8.09
CA MET C 75 -37.79 15.36 -8.89
C MET C 75 -36.61 15.35 -9.89
N MET C 76 -35.57 14.57 -9.56
CA MET C 76 -34.37 14.39 -10.38
C MET C 76 -34.43 13.09 -11.18
N ASN C 77 -35.33 12.18 -10.80
CA ASN C 77 -35.55 10.90 -11.49
C ASN C 77 -36.24 11.12 -12.85
N ARG C 78 -37.09 12.19 -12.93
CA ARG C 78 -37.83 12.59 -14.13
C ARG C 78 -36.92 13.12 -15.23
N LEU C 79 -35.61 13.22 -14.94
CA LEU C 79 -34.56 13.67 -15.87
C LEU C 79 -33.88 12.48 -16.59
N ARG C 80 -34.68 11.64 -17.27
CA ARG C 80 -34.19 10.48 -18.01
C ARG C 80 -33.71 10.89 -19.38
N HIS C 81 -32.43 10.59 -19.69
CA HIS C 81 -31.75 10.89 -20.97
C HIS C 81 -30.59 9.93 -21.14
N SER C 82 -30.29 9.60 -22.42
CA SER C 82 -29.20 8.67 -22.78
C SER C 82 -27.78 9.19 -22.44
N ARG C 83 -27.59 10.52 -22.42
CA ARG C 83 -26.30 11.15 -22.10
C ARG C 83 -26.29 11.82 -20.73
N VAL C 84 -27.23 11.45 -19.84
CA VAL C 84 -27.36 11.98 -18.48
C VAL C 84 -27.41 10.82 -17.46
N VAL C 85 -26.57 10.91 -16.40
CA VAL C 85 -26.42 9.91 -15.33
C VAL C 85 -27.75 9.59 -14.68
N LYS C 86 -28.07 8.27 -14.56
CA LYS C 86 -29.31 7.78 -13.97
C LYS C 86 -29.23 7.68 -12.45
N LEU C 87 -30.41 7.79 -11.80
CA LEU C 87 -30.58 7.64 -10.36
C LEU C 87 -31.47 6.40 -10.17
N LEU C 88 -30.82 5.25 -9.98
CA LEU C 88 -31.45 3.94 -9.85
C LEU C 88 -32.25 3.77 -8.57
N GLY C 89 -31.64 4.10 -7.44
CA GLY C 89 -32.28 3.96 -6.16
C GLY C 89 -31.80 4.90 -5.08
N VAL C 90 -32.58 4.97 -3.99
CA VAL C 90 -32.30 5.79 -2.81
C VAL C 90 -32.49 4.95 -1.53
N ILE C 91 -31.49 4.96 -0.63
CA ILE C 91 -31.55 4.24 0.62
C ILE C 91 -31.83 5.24 1.72
N ILE C 92 -33.06 5.28 2.20
CA ILE C 92 -33.46 6.17 3.28
C ILE C 92 -33.78 5.28 4.50
N GLU C 93 -32.77 5.10 5.37
CA GLU C 93 -32.83 4.25 6.55
C GLU C 93 -32.56 4.98 7.87
N GLU C 94 -32.59 4.23 8.98
CA GLU C 94 -32.33 4.72 10.33
C GLU C 94 -30.84 5.13 10.35
N GLY C 95 -30.60 6.45 10.28
CA GLY C 95 -29.26 7.05 10.28
C GLY C 95 -28.40 6.85 9.05
N LYS C 96 -28.91 6.09 8.05
CA LYS C 96 -28.22 5.81 6.80
C LYS C 96 -29.00 6.39 5.60
N TYR C 97 -28.43 7.39 4.93
CA TYR C 97 -29.00 8.05 3.74
C TYR C 97 -27.98 7.94 2.59
N SER C 98 -28.41 7.35 1.44
CA SER C 98 -27.50 7.11 0.31
C SER C 98 -28.14 7.33 -1.07
N LEU C 99 -27.34 7.86 -2.00
CA LEU C 99 -27.76 8.05 -3.39
C LEU C 99 -27.00 7.02 -4.23
N VAL C 100 -27.72 6.15 -4.92
CA VAL C 100 -27.14 5.06 -5.69
C VAL C 100 -27.24 5.30 -7.20
N MET C 101 -26.10 5.51 -7.86
CA MET C 101 -26.09 5.72 -9.29
C MET C 101 -25.41 4.57 -10.06
N GLU C 102 -25.50 4.61 -11.39
CA GLU C 102 -24.91 3.62 -12.29
C GLU C 102 -23.39 3.68 -12.29
N TYR C 103 -22.75 2.56 -12.67
CA TYR C 103 -21.29 2.50 -12.75
C TYR C 103 -20.74 2.93 -14.15
N MET C 104 -19.73 3.85 -14.13
CA MET C 104 -18.99 4.40 -15.27
C MET C 104 -17.53 4.00 -15.06
N GLU C 105 -17.04 3.05 -15.89
CA GLU C 105 -15.75 2.41 -15.76
C GLU C 105 -14.51 3.32 -15.81
N LYS C 106 -14.39 4.19 -16.85
CA LYS C 106 -13.20 5.06 -17.03
C LYS C 106 -13.11 6.24 -16.06
N GLY C 107 -14.04 6.30 -15.10
CA GLY C 107 -14.14 7.35 -14.11
C GLY C 107 -14.74 8.59 -14.73
N ASN C 108 -13.98 9.70 -14.73
CA ASN C 108 -14.39 10.99 -15.30
C ASN C 108 -13.47 11.40 -16.47
N LEU C 109 -13.94 12.37 -17.29
CA LEU C 109 -13.28 12.93 -18.47
C LEU C 109 -11.80 13.29 -18.24
N MET C 110 -11.49 14.08 -17.18
CA MET C 110 -10.12 14.49 -16.89
C MET C 110 -9.13 13.32 -16.79
N HIS C 111 -9.51 12.23 -16.08
CA HIS C 111 -8.71 11.02 -15.92
C HIS C 111 -8.42 10.33 -17.25
N VAL C 112 -9.40 10.37 -18.18
CA VAL C 112 -9.27 9.78 -19.52
C VAL C 112 -8.25 10.59 -20.34
N LEU C 113 -8.25 11.94 -20.16
CA LEU C 113 -7.34 12.83 -20.88
C LEU C 113 -5.89 12.69 -20.38
N LYS C 114 -5.75 12.61 -19.04
CA LYS C 114 -4.46 12.48 -18.35
C LYS C 114 -3.87 11.06 -18.44
N ALA C 115 -4.60 10.12 -19.08
CA ALA C 115 -4.16 8.73 -19.30
C ALA C 115 -3.15 8.68 -20.45
N GLU C 116 -2.14 7.79 -20.31
CA GLU C 116 -1.02 7.59 -21.26
C GLU C 116 -1.52 7.24 -22.67
N MET C 117 -2.41 6.21 -22.79
CA MET C 117 -3.02 5.84 -24.05
C MET C 117 -4.16 6.84 -24.27
N SER C 118 -3.92 7.83 -25.17
CA SER C 118 -4.86 8.92 -25.47
C SER C 118 -5.79 8.67 -26.68
N THR C 119 -7.10 8.98 -26.50
CA THR C 119 -8.20 8.82 -27.47
C THR C 119 -8.05 9.70 -28.74
N PRO C 120 -8.54 9.24 -29.93
CA PRO C 120 -8.40 10.06 -31.15
C PRO C 120 -9.35 11.26 -31.23
N LEU C 121 -9.09 12.17 -32.20
CA LEU C 121 -9.84 13.40 -32.47
C LEU C 121 -11.33 13.15 -32.78
N SER C 122 -11.65 11.93 -33.28
CA SER C 122 -13.02 11.50 -33.60
C SER C 122 -13.82 11.32 -32.32
N VAL C 123 -13.27 10.56 -31.34
CA VAL C 123 -13.88 10.29 -30.03
C VAL C 123 -13.96 11.62 -29.26
N LYS C 124 -12.86 12.42 -29.31
CA LYS C 124 -12.76 13.75 -28.67
C LYS C 124 -13.93 14.66 -29.07
N GLY C 125 -14.22 14.74 -30.38
CA GLY C 125 -15.33 15.52 -30.93
C GLY C 125 -16.68 14.91 -30.58
N ARG C 126 -16.76 13.55 -30.50
CA ARG C 126 -17.96 12.79 -30.17
C ARG C 126 -18.36 13.08 -28.73
N ILE C 127 -17.35 13.15 -27.84
CA ILE C 127 -17.48 13.49 -26.41
C ILE C 127 -18.14 14.89 -26.28
N ILE C 128 -17.62 15.89 -27.04
CA ILE C 128 -18.13 17.25 -27.08
C ILE C 128 -19.59 17.22 -27.52
N LEU C 129 -19.87 16.51 -28.62
CA LEU C 129 -21.23 16.38 -29.14
C LEU C 129 -22.18 15.86 -28.06
N GLU C 130 -21.74 14.79 -27.35
CA GLU C 130 -22.46 14.11 -26.27
C GLU C 130 -22.70 15.01 -25.05
N ILE C 131 -21.78 15.97 -24.79
CA ILE C 131 -21.95 16.95 -23.71
C ILE C 131 -23.09 17.91 -24.10
N ILE C 132 -23.02 18.54 -25.32
CA ILE C 132 -24.03 19.47 -25.85
C ILE C 132 -25.37 18.76 -25.90
N GLU C 133 -25.38 17.46 -26.25
CA GLU C 133 -26.57 16.59 -26.28
C GLU C 133 -27.25 16.53 -24.88
N GLY C 134 -26.46 16.31 -23.83
CA GLY C 134 -26.95 16.24 -22.45
C GLY C 134 -27.35 17.59 -21.89
N MET C 135 -26.56 18.63 -22.23
CA MET C 135 -26.77 20.02 -21.80
C MET C 135 -28.01 20.67 -22.41
N ALA C 136 -28.30 20.38 -23.70
CA ALA C 136 -29.48 20.89 -24.38
C ALA C 136 -30.76 20.36 -23.69
N TYR C 137 -30.72 19.08 -23.23
CA TYR C 137 -31.82 18.41 -22.54
C TYR C 137 -32.06 19.01 -21.18
N LEU C 138 -31.00 19.17 -20.37
CA LEU C 138 -31.09 19.75 -19.01
C LEU C 138 -31.69 21.14 -19.03
N HIS C 139 -31.16 22.00 -19.92
CA HIS C 139 -31.59 23.37 -20.13
C HIS C 139 -33.02 23.41 -20.72
N GLY C 140 -33.38 22.35 -21.43
CA GLY C 140 -34.69 22.16 -22.05
C GLY C 140 -35.75 21.90 -20.99
N LYS C 141 -35.35 21.25 -19.88
CA LYS C 141 -36.19 20.94 -18.72
C LYS C 141 -35.99 21.99 -17.59
N GLY C 142 -35.38 23.14 -17.96
CA GLY C 142 -35.10 24.29 -17.09
C GLY C 142 -34.10 24.07 -15.99
N VAL C 143 -33.24 23.04 -16.14
CA VAL C 143 -32.22 22.64 -15.16
C VAL C 143 -30.85 23.20 -15.52
N ILE C 144 -30.35 24.15 -14.69
CA ILE C 144 -29.02 24.77 -14.83
C ILE C 144 -28.02 23.95 -13.99
N HIS C 145 -26.90 23.52 -14.62
CA HIS C 145 -25.87 22.70 -13.95
C HIS C 145 -25.07 23.45 -12.85
N LYS C 146 -24.78 24.74 -13.05
CA LYS C 146 -24.04 25.60 -12.13
C LYS C 146 -22.55 25.28 -12.07
N ASP C 147 -22.20 24.00 -11.72
CA ASP C 147 -20.81 23.52 -11.61
C ASP C 147 -20.44 22.46 -12.70
N LEU C 148 -20.40 22.89 -13.98
CA LEU C 148 -20.05 21.99 -15.07
C LEU C 148 -18.54 21.90 -15.21
N LYS C 149 -17.97 20.70 -15.01
CA LYS C 149 -16.52 20.45 -15.09
C LYS C 149 -16.18 18.97 -15.48
N PRO C 150 -14.94 18.59 -15.89
CA PRO C 150 -14.65 17.21 -16.26
C PRO C 150 -14.75 16.19 -15.12
N GLU C 151 -14.90 16.64 -13.86
CA GLU C 151 -15.08 15.72 -12.74
C GLU C 151 -16.55 15.23 -12.75
N ASN C 152 -17.46 16.14 -13.16
CA ASN C 152 -18.91 15.93 -13.26
C ASN C 152 -19.31 15.42 -14.67
N ILE C 153 -18.33 15.05 -15.50
CA ILE C 153 -18.56 14.47 -16.84
C ILE C 153 -17.94 13.06 -16.82
N LEU C 154 -18.76 12.02 -16.60
CA LEU C 154 -18.34 10.63 -16.45
C LEU C 154 -18.40 9.83 -17.73
N VAL C 155 -17.32 9.09 -18.01
CA VAL C 155 -17.12 8.32 -19.24
C VAL C 155 -17.06 6.84 -18.95
N ASP C 156 -17.78 6.05 -19.76
CA ASP C 156 -17.82 4.60 -19.66
C ASP C 156 -16.78 3.89 -20.58
N ASN C 157 -16.77 2.54 -20.53
CA ASN C 157 -15.91 1.64 -21.29
C ASN C 157 -16.04 1.84 -22.81
N ASP C 158 -17.24 2.21 -23.28
CA ASP C 158 -17.51 2.45 -24.70
C ASP C 158 -17.04 3.87 -25.16
N PHE C 159 -16.46 4.67 -24.22
CA PHE C 159 -15.98 6.05 -24.36
C PHE C 159 -17.13 7.07 -24.47
N HIS C 160 -18.38 6.63 -24.21
CA HIS C 160 -19.58 7.46 -24.21
C HIS C 160 -19.63 8.20 -22.89
N ILE C 161 -20.18 9.40 -22.88
CA ILE C 161 -20.21 10.19 -21.66
C ILE C 161 -21.56 10.14 -20.99
N LYS C 162 -21.66 10.77 -19.81
CA LYS C 162 -22.85 10.96 -18.96
C LYS C 162 -22.60 12.07 -17.96
N ILE C 163 -23.45 13.11 -18.00
CA ILE C 163 -23.34 14.28 -17.13
C ILE C 163 -24.06 14.02 -15.82
N ALA C 164 -23.36 14.28 -14.71
CA ALA C 164 -23.83 14.08 -13.34
C ALA C 164 -23.61 15.33 -12.48
N ASP C 165 -24.41 15.51 -11.41
CA ASP C 165 -24.23 16.60 -10.44
C ASP C 165 -23.82 15.98 -9.08
N LEU C 166 -22.48 15.78 -8.92
CA LEU C 166 -21.84 15.17 -7.74
C LEU C 166 -21.71 16.13 -6.54
N GLY C 167 -21.69 17.43 -6.82
CA GLY C 167 -21.66 18.47 -5.80
C GLY C 167 -23.04 18.84 -5.27
N LEU C 168 -24.09 18.18 -5.80
CA LEU C 168 -25.51 18.36 -5.48
C LEU C 168 -25.88 19.84 -5.54
N ALA C 169 -25.61 20.48 -6.68
CA ALA C 169 -25.96 21.88 -6.87
C ALA C 169 -27.50 21.96 -6.97
N SER C 170 -28.08 21.02 -7.74
CA SER C 170 -29.53 20.90 -7.93
C SER C 170 -30.23 20.36 -6.67
N PHE C 171 -29.71 19.24 -6.11
CA PHE C 171 -30.23 18.57 -4.91
C PHE C 171 -30.07 19.40 -3.65
N LYS C 172 -31.07 20.26 -3.36
CA LYS C 172 -31.07 21.15 -2.20
C LYS C 172 -31.22 20.40 -0.87
N MET C 173 -32.04 19.35 -0.87
CA MET C 173 -32.32 18.54 0.31
C MET C 173 -31.13 17.62 0.64
N TRP C 174 -30.54 16.96 -0.40
CA TRP C 174 -29.42 16.03 -0.25
C TRP C 174 -28.07 16.69 0.02
N SER C 175 -27.84 17.92 -0.50
CA SER C 175 -26.59 18.64 -0.22
C SER C 175 -26.47 19.00 1.26
N LYS C 176 -27.61 19.31 1.93
CA LYS C 176 -27.71 19.66 3.35
C LYS C 176 -27.01 18.63 4.21
N LEU C 177 -27.28 17.35 3.94
CA LEU C 177 -26.73 16.17 4.62
C LEU C 177 -25.25 15.99 4.30
N ASN C 178 -24.86 16.27 3.05
CA ASN C 178 -23.49 16.14 2.54
C ASN C 178 -22.55 17.19 3.13
N ASN C 179 -23.04 18.43 3.25
CA ASN C 179 -22.27 19.57 3.75
C ASN C 179 -21.98 19.51 5.26
N GLU C 180 -22.89 18.84 6.04
CA GLU C 180 -22.81 18.66 7.50
C GLU C 180 -22.63 19.98 8.27
N GLY C 197 -14.30 24.65 -3.81
CA GLY C 197 -13.80 23.79 -4.88
C GLY C 197 -12.91 24.51 -5.87
N THR C 198 -13.06 24.20 -7.18
CA THR C 198 -12.27 24.78 -8.27
C THR C 198 -13.11 25.72 -9.14
N LEU C 199 -12.53 26.91 -9.39
CA LEU C 199 -13.09 28.02 -10.12
C LEU C 199 -12.59 28.04 -11.55
N TYR C 200 -11.63 27.18 -11.88
CA TYR C 200 -11.00 27.01 -13.20
C TYR C 200 -12.03 27.08 -14.34
N TYR C 201 -13.25 26.57 -14.09
CA TYR C 201 -14.40 26.46 -15.01
C TYR C 201 -15.52 27.48 -14.74
N MET C 202 -15.57 28.06 -13.52
CA MET C 202 -16.58 29.03 -13.07
C MET C 202 -16.61 30.35 -13.86
N ALA C 203 -17.84 30.77 -14.24
CA ALA C 203 -18.14 31.96 -15.04
C ALA C 203 -17.67 33.23 -14.35
N PRO C 204 -17.04 34.15 -15.11
CA PRO C 204 -16.49 35.38 -14.49
C PRO C 204 -17.50 36.25 -13.75
N GLU C 205 -18.76 36.22 -14.18
CA GLU C 205 -19.84 37.01 -13.58
C GLU C 205 -20.17 36.60 -12.15
N HIS C 206 -19.78 35.37 -11.78
CA HIS C 206 -20.03 34.77 -10.47
C HIS C 206 -18.83 34.83 -9.52
N LEU C 207 -17.62 35.07 -10.05
CA LEU C 207 -16.41 35.19 -9.25
C LEU C 207 -16.40 36.55 -8.52
N ASN C 208 -16.41 36.51 -7.16
CA ASN C 208 -16.50 37.67 -6.24
C ASN C 208 -17.87 38.37 -6.29
N ASP C 209 -18.91 37.65 -6.79
CA ASP C 209 -20.29 38.11 -6.92
C ASP C 209 -21.24 36.99 -6.49
N VAL C 210 -21.57 37.03 -5.21
CA VAL C 210 -22.43 36.05 -4.52
C VAL C 210 -23.88 36.08 -4.99
N ASN C 211 -24.40 37.27 -5.39
CA ASN C 211 -25.80 37.46 -5.81
C ASN C 211 -26.09 37.30 -7.30
N ALA C 212 -25.07 36.89 -8.11
CA ALA C 212 -25.23 36.65 -9.55
C ALA C 212 -25.88 35.29 -9.75
N LYS C 213 -27.11 35.29 -10.32
CA LYS C 213 -27.93 34.09 -10.56
C LYS C 213 -27.30 33.21 -11.66
N PRO C 214 -27.22 31.88 -11.47
CA PRO C 214 -26.62 31.06 -12.52
C PRO C 214 -27.62 30.86 -13.66
N THR C 215 -27.36 31.52 -14.80
CA THR C 215 -28.24 31.40 -15.95
C THR C 215 -27.78 30.22 -16.80
N GLU C 216 -28.38 30.12 -18.00
CA GLU C 216 -28.11 29.12 -19.02
C GLU C 216 -26.65 29.22 -19.45
N LYS C 217 -26.21 30.47 -19.73
CA LYS C 217 -24.87 30.82 -20.21
C LYS C 217 -23.75 30.54 -19.22
N SER C 218 -24.10 30.44 -17.90
CA SER C 218 -23.12 30.17 -16.83
C SER C 218 -22.46 28.83 -17.14
N ASP C 219 -23.25 27.90 -17.69
CA ASP C 219 -22.80 26.58 -18.10
C ASP C 219 -22.20 26.59 -19.49
N VAL C 220 -22.51 27.63 -20.32
CA VAL C 220 -21.92 27.84 -21.67
C VAL C 220 -20.40 28.24 -21.50
N TYR C 221 -20.10 29.13 -20.51
CA TYR C 221 -18.73 29.54 -20.21
C TYR C 221 -17.92 28.29 -19.83
N SER C 222 -18.47 27.47 -18.89
CA SER C 222 -17.93 26.23 -18.35
C SER C 222 -17.58 25.25 -19.46
N PHE C 223 -18.51 25.10 -20.41
CA PHE C 223 -18.34 24.23 -21.57
C PHE C 223 -17.07 24.58 -22.38
N ALA C 224 -16.87 25.85 -22.68
CA ALA C 224 -15.71 26.39 -23.39
C ALA C 224 -14.37 26.05 -22.73
N VAL C 225 -14.38 25.91 -21.39
CA VAL C 225 -13.17 25.60 -20.64
C VAL C 225 -12.93 24.09 -20.71
N VAL C 226 -14.04 23.30 -20.73
CA VAL C 226 -13.99 21.84 -20.85
C VAL C 226 -13.49 21.47 -22.26
N LEU C 227 -13.95 22.23 -23.29
CA LEU C 227 -13.54 22.10 -24.69
C LEU C 227 -12.04 22.29 -24.82
N TRP C 228 -11.48 23.27 -24.09
CA TRP C 228 -10.06 23.57 -24.08
C TRP C 228 -9.33 22.36 -23.47
N ALA C 229 -9.80 21.90 -22.27
CA ALA C 229 -9.25 20.78 -21.48
C ALA C 229 -9.18 19.48 -22.26
N ILE C 230 -10.19 19.23 -23.13
CA ILE C 230 -10.26 18.05 -24.00
C ILE C 230 -9.06 18.04 -25.00
N PHE C 231 -8.73 19.24 -25.56
CA PHE C 231 -7.65 19.41 -26.54
C PHE C 231 -6.26 19.74 -25.96
N ALA C 232 -6.26 20.32 -24.75
CA ALA C 232 -5.02 20.67 -24.07
C ALA C 232 -4.54 19.56 -23.09
N ASN C 233 -5.39 18.52 -22.87
CA ASN C 233 -5.14 17.32 -22.06
C ASN C 233 -4.84 17.57 -20.59
N LYS C 234 -5.33 18.71 -20.06
CA LYS C 234 -5.06 19.10 -18.67
C LYS C 234 -6.07 20.11 -18.12
N GLU C 235 -5.64 20.83 -17.08
CA GLU C 235 -6.40 21.89 -16.43
C GLU C 235 -5.89 23.28 -16.87
N PRO C 236 -6.83 24.23 -17.05
CA PRO C 236 -6.44 25.58 -17.48
C PRO C 236 -5.67 26.37 -16.43
N TYR C 237 -5.01 27.46 -16.87
CA TYR C 237 -4.26 28.38 -16.01
C TYR C 237 -3.25 27.69 -15.08
N GLU C 238 -2.44 26.77 -15.62
CA GLU C 238 -1.46 26.04 -14.81
C GLU C 238 -0.32 26.93 -14.23
N ASN C 239 0.01 28.05 -14.91
CA ASN C 239 1.08 28.96 -14.49
C ASN C 239 0.66 29.93 -13.35
N ALA C 240 -0.62 29.91 -12.95
CA ALA C 240 -1.15 30.73 -11.87
C ALA C 240 -0.62 30.25 -10.50
N ILE C 241 -0.19 31.21 -9.67
CA ILE C 241 0.35 30.85 -8.36
C ILE C 241 -0.67 31.12 -7.24
N ALA C 242 -1.17 32.36 -7.11
CA ALA C 242 -2.15 32.74 -6.09
C ALA C 242 -3.61 32.60 -6.59
N GLU C 243 -4.60 32.56 -5.66
CA GLU C 243 -6.03 32.44 -6.02
C GLU C 243 -6.59 33.79 -6.43
N GLN C 244 -6.28 34.84 -5.64
CA GLN C 244 -6.76 36.20 -5.87
C GLN C 244 -6.24 36.77 -7.20
N GLN C 245 -5.08 36.29 -7.64
CA GLN C 245 -4.48 36.65 -8.91
C GLN C 245 -5.34 36.11 -10.08
N LEU C 246 -5.74 34.82 -9.96
CA LEU C 246 -6.57 34.08 -10.90
C LEU C 246 -7.99 34.66 -10.95
N ILE C 247 -8.63 34.84 -9.77
CA ILE C 247 -9.97 35.41 -9.66
C ILE C 247 -10.06 36.73 -10.41
N MET C 248 -9.13 37.65 -10.11
CA MET C 248 -9.05 38.96 -10.73
C MET C 248 -8.62 38.91 -12.19
N ALA C 249 -7.85 37.85 -12.60
CA ALA C 249 -7.39 37.67 -13.99
C ALA C 249 -8.55 37.32 -14.90
N ILE C 250 -9.36 36.32 -14.52
CA ILE C 250 -10.57 35.86 -15.22
C ILE C 250 -11.57 37.06 -15.31
N LYS C 251 -11.69 37.85 -14.23
CA LYS C 251 -12.52 39.06 -14.15
C LYS C 251 -12.00 40.19 -15.09
N SER C 252 -10.71 40.18 -15.43
CA SER C 252 -10.14 41.19 -16.31
C SER C 252 -10.15 40.74 -17.78
N GLY C 253 -10.37 39.45 -18.01
CA GLY C 253 -10.42 38.87 -19.35
C GLY C 253 -9.50 37.70 -19.66
N ASN C 254 -8.76 37.17 -18.67
CA ASN C 254 -7.86 36.03 -18.88
C ASN C 254 -8.63 34.75 -19.09
N ARG C 255 -8.34 34.08 -20.22
CA ARG C 255 -8.97 32.82 -20.60
C ARG C 255 -7.89 31.74 -20.77
N PRO C 256 -8.20 30.42 -20.75
CA PRO C 256 -7.12 29.41 -20.87
C PRO C 256 -6.30 29.56 -22.14
N ASP C 257 -4.96 29.40 -22.04
CA ASP C 257 -4.01 29.55 -23.16
C ASP C 257 -4.20 28.53 -24.30
N VAL C 258 -4.65 29.05 -25.45
CA VAL C 258 -4.88 28.30 -26.68
C VAL C 258 -3.52 27.85 -27.30
N ASP C 259 -2.45 28.64 -27.08
CA ASP C 259 -1.08 28.38 -27.54
C ASP C 259 -0.43 27.22 -26.74
N ASP C 260 -1.07 26.78 -25.64
CA ASP C 260 -0.61 25.65 -24.84
C ASP C 260 -1.13 24.34 -25.40
N ILE C 261 -2.13 24.42 -26.31
CA ILE C 261 -2.71 23.24 -26.99
C ILE C 261 -1.69 22.69 -28.02
N THR C 262 -0.86 21.71 -27.56
CA THR C 262 0.22 21.07 -28.33
C THR C 262 -0.36 20.20 -29.46
N GLU C 263 -1.19 19.21 -29.12
CA GLU C 263 -1.81 18.31 -30.10
C GLU C 263 -2.79 19.06 -31.07
N TYR C 264 -3.23 18.38 -32.15
CA TYR C 264 -4.12 18.95 -33.17
C TYR C 264 -5.51 19.23 -32.64
N CYS C 265 -5.98 20.44 -32.92
CA CYS C 265 -7.29 20.95 -32.51
C CYS C 265 -7.82 21.74 -33.72
N PRO C 266 -9.03 21.43 -34.28
CA PRO C 266 -9.52 22.18 -35.45
C PRO C 266 -9.66 23.67 -35.21
N ARG C 267 -9.46 24.45 -36.29
CA ARG C 267 -9.60 25.90 -36.34
C ARG C 267 -11.02 26.31 -35.87
N GLU C 268 -12.05 25.59 -36.34
CA GLU C 268 -13.47 25.82 -36.03
C GLU C 268 -13.84 25.53 -34.57
N ILE C 269 -13.15 24.56 -33.95
CA ILE C 269 -13.36 24.21 -32.55
C ILE C 269 -12.78 25.30 -31.60
N ILE C 270 -11.62 25.90 -31.98
CA ILE C 270 -11.00 26.99 -31.23
C ILE C 270 -11.94 28.18 -31.28
N SER C 271 -12.56 28.39 -32.42
CA SER C 271 -13.54 29.45 -32.60
C SER C 271 -14.74 29.27 -31.61
N LEU C 272 -15.29 28.05 -31.52
CA LEU C 272 -16.41 27.73 -30.61
C LEU C 272 -16.03 27.89 -29.13
N MET C 273 -14.83 27.45 -28.73
CA MET C 273 -14.43 27.61 -27.34
C MET C 273 -14.19 29.08 -27.02
N LYS C 274 -13.66 29.87 -27.99
CA LYS C 274 -13.42 31.29 -27.81
C LYS C 274 -14.72 32.08 -27.70
N LEU C 275 -15.73 31.67 -28.48
CA LEU C 275 -17.02 32.34 -28.49
C LEU C 275 -17.79 32.02 -27.25
N CYS C 276 -17.70 30.77 -26.77
CA CYS C 276 -18.42 30.31 -25.59
C CYS C 276 -17.92 30.90 -24.27
N TRP C 277 -16.63 31.28 -24.20
CA TRP C 277 -16.06 31.85 -22.98
C TRP C 277 -16.05 33.39 -23.03
N GLU C 278 -16.88 33.98 -23.92
CA GLU C 278 -17.05 35.43 -24.09
C GLU C 278 -17.36 36.14 -22.79
N ALA C 279 -16.72 37.29 -22.56
CA ALA C 279 -16.90 38.05 -21.35
C ALA C 279 -18.37 38.42 -21.15
N ASN C 280 -18.98 39.08 -22.16
CA ASN C 280 -20.37 39.48 -22.14
C ASN C 280 -21.27 38.24 -22.33
N PRO C 281 -22.27 38.06 -21.44
CA PRO C 281 -23.08 36.83 -21.51
C PRO C 281 -23.97 36.70 -22.75
N GLU C 282 -24.34 37.83 -23.38
CA GLU C 282 -25.22 37.87 -24.56
C GLU C 282 -24.56 37.32 -25.84
N ALA C 283 -23.20 37.32 -25.85
CA ALA C 283 -22.36 36.86 -26.95
C ALA C 283 -22.10 35.33 -26.97
N ARG C 284 -22.54 34.60 -25.91
CA ARG C 284 -22.39 33.15 -25.76
C ARG C 284 -23.59 32.43 -26.39
N PRO C 285 -23.40 31.35 -27.20
CA PRO C 285 -24.59 30.72 -27.82
C PRO C 285 -25.28 29.69 -26.93
N THR C 286 -26.57 29.40 -27.21
CA THR C 286 -27.37 28.42 -26.44
C THR C 286 -27.02 27.02 -26.91
N PHE C 287 -27.14 26.01 -26.02
CA PHE C 287 -26.85 24.59 -26.30
C PHE C 287 -27.72 24.01 -27.45
N PRO C 288 -29.05 24.32 -27.58
CA PRO C 288 -29.78 23.84 -28.76
C PRO C 288 -29.28 24.49 -30.06
N GLY C 289 -28.65 25.67 -29.93
CA GLY C 289 -28.06 26.38 -31.05
C GLY C 289 -26.73 25.76 -31.44
N ILE C 290 -25.83 25.52 -30.45
CA ILE C 290 -24.51 24.92 -30.65
C ILE C 290 -24.61 23.56 -31.37
N GLU C 291 -25.57 22.73 -30.92
CA GLU C 291 -25.84 21.39 -31.47
C GLU C 291 -26.23 21.42 -32.96
N GLU C 292 -26.94 22.49 -33.42
CA GLU C 292 -27.36 22.63 -34.83
C GLU C 292 -26.18 22.79 -35.80
N LYS C 293 -25.07 23.40 -35.32
CA LYS C 293 -23.85 23.69 -36.10
C LYS C 293 -22.72 22.65 -35.90
N PHE C 294 -22.72 21.95 -34.76
CA PHE C 294 -21.68 20.97 -34.45
C PHE C 294 -21.98 19.58 -34.98
N ARG C 295 -23.27 19.19 -35.04
CA ARG C 295 -23.70 17.87 -35.53
C ARG C 295 -23.30 17.64 -37.02
N PRO C 296 -23.65 18.52 -38.02
CA PRO C 296 -23.22 18.26 -39.42
C PRO C 296 -21.71 18.38 -39.65
N PHE C 297 -21.03 19.15 -38.78
CA PHE C 297 -19.58 19.34 -38.81
C PHE C 297 -18.87 18.06 -38.34
N TYR C 298 -19.36 17.44 -37.25
CA TYR C 298 -18.79 16.21 -36.69
C TYR C 298 -18.89 15.04 -37.67
N LEU C 299 -20.04 14.92 -38.36
CA LEU C 299 -20.28 13.83 -39.32
C LEU C 299 -19.31 13.81 -40.54
N SER C 300 -18.84 15.00 -40.97
CA SER C 300 -17.95 15.18 -42.11
C SER C 300 -16.48 15.30 -41.76
N GLN C 301 -16.15 16.17 -40.78
CA GLN C 301 -14.77 16.50 -40.37
C GLN C 301 -14.15 15.59 -39.28
N LEU C 302 -14.98 14.94 -38.43
CA LEU C 302 -14.46 14.10 -37.35
C LEU C 302 -14.78 12.60 -37.48
N GLU C 303 -16.04 12.25 -37.87
CA GLU C 303 -16.47 10.86 -38.04
C GLU C 303 -15.92 10.29 -39.36
N LYS D 20 10.86 9.27 3.56
CA LYS D 20 9.54 8.80 4.00
C LYS D 20 9.55 8.45 5.49
N MET D 21 8.50 8.91 6.21
CA MET D 21 8.34 8.72 7.65
C MET D 21 7.01 8.08 8.04
N LYS D 22 7.01 7.36 9.18
CA LYS D 22 5.82 6.70 9.74
C LYS D 22 5.30 7.50 10.92
N SER D 23 4.04 7.23 11.33
CA SER D 23 3.41 7.87 12.51
C SER D 23 4.00 7.31 13.81
N SER D 24 4.57 6.07 13.75
CA SER D 24 5.23 5.36 14.84
C SER D 24 6.55 6.04 15.24
N ASP D 25 7.24 6.68 14.27
CA ASP D 25 8.50 7.39 14.45
C ASP D 25 8.37 8.65 15.28
N PHE D 26 7.17 9.25 15.31
CA PHE D 26 6.91 10.46 16.10
C PHE D 26 6.28 10.15 17.46
N LEU D 27 6.62 10.99 18.46
CA LEU D 27 6.17 10.89 19.86
C LEU D 27 4.95 11.76 20.15
N VAL D 40 -0.94 22.44 11.22
CA VAL D 40 0.41 22.69 11.71
C VAL D 40 0.57 22.29 13.19
N SER D 41 1.64 21.56 13.51
CA SER D 41 1.93 21.04 14.86
C SER D 41 3.42 20.83 15.10
N LEU D 42 3.84 20.91 16.36
CA LEU D 42 5.23 20.70 16.78
C LEU D 42 5.40 19.20 16.96
N ALA D 43 6.31 18.60 16.19
CA ALA D 43 6.56 17.16 16.19
C ALA D 43 7.82 16.78 16.91
N PHE D 44 7.78 15.65 17.64
CA PHE D 44 8.92 15.14 18.39
C PHE D 44 9.37 13.79 17.79
N HIS D 45 10.45 13.78 17.02
CA HIS D 45 10.99 12.57 16.40
C HIS D 45 11.94 11.85 17.35
N ARG D 46 11.81 10.52 17.47
CA ARG D 46 12.62 9.68 18.35
C ARG D 46 14.13 9.73 18.08
N THR D 47 14.53 9.83 16.81
CA THR D 47 15.92 9.84 16.39
C THR D 47 16.51 11.25 16.23
N GLN D 48 15.86 12.13 15.43
CA GLN D 48 16.34 13.47 15.12
C GLN D 48 15.95 14.54 16.13
N GLY D 49 14.69 14.54 16.57
CA GLY D 49 14.25 15.49 17.57
C GLY D 49 13.13 16.38 17.14
N LEU D 50 13.26 17.69 17.42
CA LEU D 50 12.24 18.68 17.10
C LEU D 50 12.15 19.00 15.62
N MET D 51 10.90 18.95 15.10
CA MET D 51 10.52 19.16 13.69
C MET D 51 9.13 19.84 13.60
N ILE D 52 8.95 20.74 12.61
CA ILE D 52 7.66 21.39 12.38
C ILE D 52 6.94 20.52 11.36
N MET D 53 5.76 20.02 11.73
CA MET D 53 4.94 19.11 10.91
C MET D 53 3.57 19.71 10.53
N LYS D 54 3.24 19.67 9.22
CA LYS D 54 1.96 20.15 8.67
C LYS D 54 1.21 19.00 8.01
N THR D 55 -0.06 18.82 8.39
CA THR D 55 -0.92 17.78 7.87
C THR D 55 -1.91 18.34 6.83
N VAL D 56 -2.02 17.61 5.68
CA VAL D 56 -2.89 17.90 4.52
C VAL D 56 -3.51 16.61 3.99
N CYS D 62 -5.10 8.26 -1.94
CA CYS D 62 -5.27 7.56 -3.21
C CYS D 62 -4.00 6.81 -3.59
N ILE D 63 -4.17 5.58 -4.12
CA ILE D 63 -3.09 4.68 -4.57
C ILE D 63 -2.30 5.29 -5.74
N GLU D 64 -3.01 5.92 -6.71
CA GLU D 64 -2.42 6.58 -7.89
C GLU D 64 -1.67 7.86 -7.52
N HIS D 65 -2.14 8.54 -6.46
CA HIS D 65 -1.56 9.77 -5.92
C HIS D 65 -0.24 9.54 -5.17
N ASN D 66 -0.17 8.49 -4.32
CA ASN D 66 1.01 8.11 -3.53
C ASN D 66 2.30 8.04 -4.35
N GLU D 67 2.24 7.49 -5.57
CA GLU D 67 3.37 7.37 -6.50
C GLU D 67 3.81 8.73 -7.07
N ALA D 68 2.87 9.68 -7.20
CA ALA D 68 3.12 11.02 -7.71
C ALA D 68 3.56 12.00 -6.61
N LEU D 69 3.04 11.82 -5.38
CA LEU D 69 3.34 12.67 -4.23
C LEU D 69 4.73 12.39 -3.65
N LEU D 70 5.09 11.09 -3.49
CA LEU D 70 6.38 10.63 -2.94
C LEU D 70 7.55 11.05 -3.82
N GLU D 71 7.37 10.97 -5.15
CA GLU D 71 8.40 11.36 -6.10
C GLU D 71 8.54 12.89 -6.18
N GLU D 72 7.45 13.63 -5.87
CA GLU D 72 7.41 15.10 -5.83
C GLU D 72 8.30 15.60 -4.69
N ALA D 73 8.18 14.98 -3.50
CA ALA D 73 8.98 15.31 -2.32
C ALA D 73 10.43 14.86 -2.48
N LYS D 74 10.65 13.75 -3.22
CA LYS D 74 11.98 13.16 -3.50
C LYS D 74 12.84 14.11 -4.35
N MET D 75 12.18 14.87 -5.23
CA MET D 75 12.77 15.87 -6.11
C MET D 75 13.18 17.10 -5.24
N MET D 76 12.41 17.33 -4.20
CA MET D 76 12.53 18.47 -3.29
C MET D 76 13.57 18.32 -2.22
N ASN D 77 13.85 17.09 -1.78
CA ASN D 77 14.87 16.81 -0.78
C ASN D 77 16.27 17.20 -1.27
N ARG D 78 16.50 17.17 -2.62
CA ARG D 78 17.76 17.53 -3.28
C ARG D 78 18.28 18.92 -2.90
N LEU D 79 17.35 19.89 -2.76
CA LEU D 79 17.68 21.25 -2.36
C LEU D 79 18.12 21.20 -0.89
N ARG D 80 19.44 21.20 -0.72
CA ARG D 80 20.10 21.17 0.57
C ARG D 80 21.03 22.39 0.58
N HIS D 81 20.78 23.32 1.51
CA HIS D 81 21.53 24.57 1.63
C HIS D 81 21.39 25.15 3.06
N SER D 82 22.37 25.99 3.44
CA SER D 82 22.48 26.71 4.73
C SER D 82 21.42 27.83 4.97
N ARG D 83 20.81 28.38 3.92
CA ARG D 83 19.81 29.48 3.87
C ARG D 83 18.47 29.04 3.23
N VAL D 84 18.31 27.73 2.94
CA VAL D 84 17.09 27.13 2.36
C VAL D 84 16.60 26.03 3.31
N VAL D 85 15.33 26.12 3.75
CA VAL D 85 14.69 25.14 4.66
C VAL D 85 14.81 23.70 4.12
N LYS D 86 15.08 22.72 5.01
CA LYS D 86 15.23 21.32 4.61
C LYS D 86 13.99 20.50 4.84
N LEU D 87 13.53 19.81 3.78
CA LEU D 87 12.39 18.89 3.86
C LEU D 87 12.99 17.61 4.40
N LEU D 88 12.79 17.37 5.69
CA LEU D 88 13.36 16.23 6.39
C LEU D 88 12.66 14.92 6.07
N GLY D 89 11.33 14.93 6.07
CA GLY D 89 10.54 13.73 5.77
C GLY D 89 9.11 13.98 5.35
N VAL D 90 8.45 12.93 4.83
CA VAL D 90 7.06 12.97 4.37
C VAL D 90 6.28 11.76 4.85
N ILE D 91 5.05 11.97 5.32
CA ILE D 91 4.18 10.89 5.83
C ILE D 91 3.04 10.61 4.84
N ILE D 92 2.89 9.35 4.42
CA ILE D 92 1.84 8.90 3.49
C ILE D 92 1.04 7.74 4.11
N GLU D 93 -0.24 8.01 4.41
CA GLU D 93 -1.18 7.06 5.02
C GLU D 93 -2.58 7.18 4.42
N GLU D 94 -3.49 6.23 4.75
CA GLU D 94 -4.87 6.24 4.26
C GLU D 94 -5.68 7.39 4.88
N GLY D 95 -5.75 8.51 4.14
CA GLY D 95 -6.45 9.72 4.55
C GLY D 95 -5.61 10.71 5.31
N LYS D 96 -4.33 10.36 5.57
CA LYS D 96 -3.34 11.17 6.31
C LYS D 96 -2.05 11.41 5.51
N TYR D 97 -1.84 12.67 5.09
CA TYR D 97 -0.68 13.11 4.31
C TYR D 97 0.03 14.28 5.03
N SER D 98 1.36 14.19 5.20
CA SER D 98 2.12 15.21 5.92
C SER D 98 3.46 15.56 5.32
N LEU D 99 3.88 16.83 5.54
CA LEU D 99 5.16 17.42 5.12
C LEU D 99 5.89 17.87 6.39
N VAL D 100 7.10 17.35 6.62
CA VAL D 100 7.92 17.63 7.80
C VAL D 100 9.16 18.45 7.44
N MET D 101 9.46 19.49 8.24
CA MET D 101 10.61 20.37 8.06
C MET D 101 11.32 20.69 9.39
N GLU D 102 12.46 21.41 9.34
CA GLU D 102 13.26 21.80 10.50
C GLU D 102 12.58 22.86 11.37
N TYR D 103 13.09 23.07 12.59
CA TYR D 103 12.52 24.03 13.53
C TYR D 103 13.09 25.41 13.37
N MET D 104 12.21 26.45 13.38
CA MET D 104 12.55 27.87 13.30
C MET D 104 11.76 28.59 14.40
N GLU D 105 12.46 29.08 15.45
CA GLU D 105 11.81 29.67 16.64
C GLU D 105 11.12 31.04 16.41
N LYS D 106 11.85 32.05 15.91
CA LYS D 106 11.36 33.42 15.72
C LYS D 106 10.17 33.58 14.75
N GLY D 107 9.84 32.52 14.01
CA GLY D 107 8.75 32.53 13.05
C GLY D 107 9.21 33.02 11.71
N ASN D 108 8.42 33.91 11.07
CA ASN D 108 8.75 34.46 9.75
C ASN D 108 9.31 35.87 9.86
N LEU D 109 9.91 36.39 8.76
CA LEU D 109 10.52 37.72 8.66
C LEU D 109 9.57 38.82 9.09
N MET D 110 8.29 38.75 8.65
CA MET D 110 7.22 39.69 8.97
C MET D 110 6.97 39.78 10.48
N HIS D 111 6.91 38.60 11.16
CA HIS D 111 6.69 38.44 12.60
C HIS D 111 7.77 39.09 13.46
N VAL D 112 9.03 39.03 13.01
CA VAL D 112 10.22 39.62 13.66
C VAL D 112 10.23 41.16 13.52
N LEU D 113 9.93 41.69 12.32
CA LEU D 113 9.87 43.13 12.05
C LEU D 113 8.71 43.80 12.81
N LYS D 114 7.55 43.13 12.89
CA LYS D 114 6.35 43.62 13.58
C LYS D 114 6.39 43.38 15.12
N ALA D 115 7.40 42.62 15.61
CA ALA D 115 7.57 42.27 17.03
C ALA D 115 7.81 43.48 17.94
N GLU D 116 7.63 43.29 19.28
CA GLU D 116 7.81 44.30 20.33
C GLU D 116 9.21 44.95 20.27
N MET D 117 10.26 44.12 20.10
CA MET D 117 11.66 44.57 20.00
C MET D 117 11.97 44.96 18.55
N SER D 118 12.44 46.21 18.36
CA SER D 118 12.82 46.74 17.04
C SER D 118 14.24 46.27 16.70
N THR D 119 14.36 45.51 15.59
CA THR D 119 15.61 44.91 15.10
C THR D 119 16.63 45.97 14.63
N PRO D 120 17.92 45.85 15.04
CA PRO D 120 18.92 46.84 14.60
C PRO D 120 19.29 46.72 13.13
N LEU D 121 19.81 47.81 12.54
CA LEU D 121 20.22 47.91 11.13
C LEU D 121 21.28 46.88 10.72
N SER D 122 22.25 46.61 11.60
CA SER D 122 23.34 45.65 11.37
C SER D 122 22.84 44.19 11.24
N VAL D 123 21.72 43.87 11.92
CA VAL D 123 21.08 42.53 11.91
C VAL D 123 20.26 42.38 10.61
N LYS D 124 19.53 43.44 10.21
CA LYS D 124 18.70 43.50 9.00
C LYS D 124 19.55 43.31 7.72
N GLY D 125 20.68 44.00 7.66
CA GLY D 125 21.61 43.93 6.53
C GLY D 125 22.19 42.55 6.30
N ARG D 126 22.42 41.78 7.40
CA ARG D 126 22.96 40.42 7.37
C ARG D 126 21.94 39.46 6.72
N ILE D 127 20.67 39.60 7.14
CA ILE D 127 19.52 38.83 6.67
C ILE D 127 19.33 38.97 5.14
N ILE D 128 19.48 40.21 4.59
CA ILE D 128 19.35 40.52 3.17
C ILE D 128 20.39 39.72 2.35
N LEU D 129 21.64 39.66 2.82
CA LEU D 129 22.71 38.89 2.15
C LEU D 129 22.48 37.37 2.25
N GLU D 130 21.80 36.92 3.33
CA GLU D 130 21.44 35.51 3.55
C GLU D 130 20.36 35.08 2.53
N ILE D 131 19.42 36.02 2.19
CA ILE D 131 18.33 35.84 1.22
C ILE D 131 18.92 35.65 -0.19
N ILE D 132 19.75 36.62 -0.64
CA ILE D 132 20.42 36.61 -1.95
C ILE D 132 21.28 35.35 -2.16
N GLU D 133 21.90 34.85 -1.07
CA GLU D 133 22.73 33.62 -1.06
C GLU D 133 21.90 32.40 -1.39
N GLY D 134 20.77 32.24 -0.70
CA GLY D 134 19.83 31.14 -0.89
C GLY D 134 19.07 31.19 -2.20
N MET D 135 18.71 32.42 -2.65
CA MET D 135 18.00 32.66 -3.90
C MET D 135 18.86 32.30 -5.10
N ALA D 136 20.16 32.66 -5.07
CA ALA D 136 21.11 32.34 -6.14
C ALA D 136 21.33 30.84 -6.27
N TYR D 137 21.20 30.09 -5.15
CA TYR D 137 21.35 28.63 -5.11
C TYR D 137 20.21 27.95 -5.86
N LEU D 138 18.97 28.38 -5.58
CA LEU D 138 17.74 27.84 -6.19
C LEU D 138 17.72 28.16 -7.68
N HIS D 139 18.14 29.39 -8.05
CA HIS D 139 18.22 29.88 -9.44
C HIS D 139 19.30 29.16 -10.26
N GLY D 140 20.29 28.60 -9.55
CA GLY D 140 21.37 27.81 -10.14
C GLY D 140 20.98 26.35 -10.34
N LYS D 141 19.90 25.92 -9.64
CA LYS D 141 19.35 24.56 -9.72
C LYS D 141 18.09 24.47 -10.62
N GLY D 142 17.84 25.52 -11.40
CA GLY D 142 16.70 25.61 -12.31
C GLY D 142 15.38 25.66 -11.58
N VAL D 143 15.37 26.31 -10.40
CA VAL D 143 14.20 26.45 -9.53
C VAL D 143 13.82 27.93 -9.36
N ILE D 144 12.54 28.25 -9.66
CA ILE D 144 11.98 29.59 -9.55
C ILE D 144 10.98 29.58 -8.37
N HIS D 145 11.27 30.38 -7.29
CA HIS D 145 10.44 30.48 -6.06
C HIS D 145 9.02 30.92 -6.32
N LYS D 146 8.82 31.85 -7.26
CA LYS D 146 7.50 32.38 -7.68
C LYS D 146 6.84 33.25 -6.62
N ASP D 147 6.69 32.74 -5.39
CA ASP D 147 6.05 33.43 -4.27
C ASP D 147 7.03 33.82 -3.13
N LEU D 148 7.93 34.79 -3.41
CA LEU D 148 8.87 35.26 -2.39
C LEU D 148 8.28 36.40 -1.55
N LYS D 149 7.79 36.06 -0.37
CA LYS D 149 7.19 36.99 0.57
C LYS D 149 7.78 36.81 2.01
N PRO D 150 7.68 37.80 2.93
CA PRO D 150 8.30 37.64 4.27
C PRO D 150 7.73 36.53 5.14
N GLU D 151 6.58 35.98 4.73
CA GLU D 151 5.91 34.87 5.43
C GLU D 151 6.56 33.55 5.03
N ASN D 152 7.22 33.52 3.85
CA ASN D 152 7.95 32.38 3.31
C ASN D 152 9.45 32.44 3.66
N ILE D 153 9.87 33.48 4.43
CA ILE D 153 11.26 33.66 4.89
C ILE D 153 11.31 33.44 6.42
N LEU D 154 11.76 32.24 6.84
CA LEU D 154 11.80 31.81 8.23
C LEU D 154 13.05 32.26 8.98
N VAL D 155 12.90 32.53 10.30
CA VAL D 155 13.98 33.02 11.20
C VAL D 155 14.09 32.17 12.51
N ASP D 156 15.35 31.90 12.93
CA ASP D 156 15.67 31.21 14.17
C ASP D 156 15.96 32.26 15.26
N ASN D 157 16.07 31.84 16.55
CA ASN D 157 16.39 32.73 17.68
C ASN D 157 17.75 33.48 17.50
N ASP D 158 18.72 32.85 16.78
CA ASP D 158 20.05 33.39 16.46
C ASP D 158 19.99 34.43 15.29
N PHE D 159 18.75 34.84 14.90
CA PHE D 159 18.42 35.81 13.86
C PHE D 159 18.99 35.49 12.46
N HIS D 160 19.07 34.18 12.15
CA HIS D 160 19.50 33.69 10.84
C HIS D 160 18.27 33.21 10.07
N ILE D 161 18.18 33.57 8.79
CA ILE D 161 17.00 33.23 7.98
C ILE D 161 17.19 31.99 7.08
N LYS D 162 16.07 31.36 6.73
CA LYS D 162 16.00 30.20 5.84
C LYS D 162 14.73 30.33 4.99
N ILE D 163 14.88 30.21 3.65
CA ILE D 163 13.79 30.34 2.67
C ILE D 163 13.01 29.02 2.54
N ALA D 164 11.68 29.12 2.44
CA ALA D 164 10.77 27.97 2.30
C ALA D 164 9.60 28.28 1.35
N ASP D 165 8.80 27.24 1.01
CA ASP D 165 7.62 27.36 0.16
C ASP D 165 6.40 26.78 0.89
N LEU D 166 5.82 27.56 1.83
CA LEU D 166 4.66 27.16 2.65
C LEU D 166 3.36 27.08 1.84
N GLY D 167 3.22 28.00 0.86
CA GLY D 167 2.07 28.07 -0.04
C GLY D 167 1.95 26.87 -0.97
N LEU D 168 3.10 26.18 -1.21
CA LEU D 168 3.29 24.98 -2.02
C LEU D 168 3.14 25.18 -3.53
N ALA D 169 3.53 26.37 -4.03
CA ALA D 169 3.47 26.67 -5.45
C ALA D 169 4.40 25.73 -6.28
N SER D 170 5.65 25.50 -5.80
CA SER D 170 6.58 24.59 -6.46
C SER D 170 6.12 23.12 -6.34
N PHE D 171 5.58 22.72 -5.18
CA PHE D 171 5.06 21.38 -4.96
C PHE D 171 3.58 21.36 -5.37
N LYS D 172 3.31 21.43 -6.69
CA LYS D 172 1.94 21.48 -7.20
C LYS D 172 1.07 20.27 -6.82
N MET D 173 1.69 19.06 -6.76
CA MET D 173 1.01 17.81 -6.41
C MET D 173 0.30 17.90 -5.05
N TRP D 174 1.01 18.49 -4.08
CA TRP D 174 0.55 18.69 -2.72
C TRP D 174 -0.41 19.86 -2.61
N SER D 175 -0.27 20.86 -3.51
CA SER D 175 -1.14 22.05 -3.54
C SER D 175 -2.61 21.67 -3.81
N LYS D 176 -2.84 20.81 -4.81
CA LYS D 176 -4.18 20.34 -5.18
C LYS D 176 -4.72 19.33 -4.14
N LEU D 177 -3.80 18.75 -3.34
CA LEU D 177 -4.11 17.82 -2.26
C LEU D 177 -4.89 18.49 -1.13
N ASN D 178 -4.66 19.81 -0.89
CA ASN D 178 -5.36 20.61 0.13
C ASN D 178 -6.72 21.09 -0.41
N ASN D 179 -6.84 21.24 -1.74
CA ASN D 179 -8.05 21.68 -2.41
C ASN D 179 -8.77 20.53 -3.09
N GLY D 197 -2.86 33.78 0.25
CA GLY D 197 -1.98 34.32 -0.78
C GLY D 197 -2.15 35.80 -1.05
N THR D 198 -1.07 36.59 -0.84
CA THR D 198 -1.07 38.06 -1.04
C THR D 198 -0.34 38.43 -2.35
N LEU D 199 -0.94 39.38 -3.10
CA LEU D 199 -0.44 39.84 -4.41
C LEU D 199 0.56 41.03 -4.35
N TYR D 200 0.72 41.69 -3.16
CA TYR D 200 1.64 42.83 -2.99
C TYR D 200 3.08 42.55 -3.51
N TYR D 201 3.56 41.30 -3.32
CA TYR D 201 4.92 40.82 -3.69
C TYR D 201 4.99 40.19 -5.10
N MET D 202 3.89 40.28 -5.87
CA MET D 202 3.82 39.69 -7.22
C MET D 202 4.28 40.64 -8.30
N ALA D 203 5.05 40.10 -9.27
CA ALA D 203 5.61 40.80 -10.41
C ALA D 203 4.48 41.43 -11.27
N PRO D 204 4.69 42.63 -11.87
CA PRO D 204 3.61 43.26 -12.65
C PRO D 204 3.21 42.49 -13.91
N GLU D 205 4.20 41.82 -14.55
CA GLU D 205 3.96 41.01 -15.74
C GLU D 205 3.02 39.84 -15.48
N HIS D 206 2.88 39.43 -14.20
CA HIS D 206 2.05 38.33 -13.75
C HIS D 206 0.69 38.76 -13.21
N LEU D 207 0.53 40.04 -12.85
CA LEU D 207 -0.76 40.53 -12.40
C LEU D 207 -1.70 40.49 -13.61
N ASN D 208 -2.90 39.85 -13.47
CA ASN D 208 -3.88 39.71 -14.57
C ASN D 208 -3.30 39.15 -15.90
N ASP D 209 -2.31 38.24 -15.77
CA ASP D 209 -1.63 37.52 -16.86
C ASP D 209 -1.10 36.23 -16.28
N VAL D 210 -2.05 35.36 -15.89
CA VAL D 210 -1.81 34.07 -15.25
C VAL D 210 -1.10 33.07 -16.16
N ASN D 211 -1.31 33.17 -17.48
CA ASN D 211 -0.71 32.27 -18.47
C ASN D 211 0.78 32.50 -18.70
N ALA D 212 1.29 33.71 -18.36
CA ALA D 212 2.71 34.08 -18.48
C ALA D 212 3.55 33.24 -17.51
N LYS D 213 4.52 32.48 -18.07
CA LYS D 213 5.43 31.62 -17.30
C LYS D 213 6.38 32.41 -16.37
N PRO D 214 6.65 31.93 -15.13
CA PRO D 214 7.55 32.68 -14.24
C PRO D 214 9.00 32.46 -14.63
N THR D 215 9.76 33.57 -14.74
CA THR D 215 11.18 33.57 -15.10
C THR D 215 12.01 33.80 -13.83
N GLU D 216 13.34 33.77 -13.94
CA GLU D 216 14.26 34.06 -12.83
C GLU D 216 14.07 35.54 -12.43
N LYS D 217 13.74 36.39 -13.42
CA LYS D 217 13.51 37.83 -13.25
C LYS D 217 12.19 38.16 -12.53
N SER D 218 11.32 37.15 -12.31
CA SER D 218 10.06 37.34 -11.62
C SER D 218 10.28 37.36 -10.10
N ASP D 219 11.35 36.66 -9.61
CA ASP D 219 11.73 36.55 -8.20
C ASP D 219 12.47 37.79 -7.71
N VAL D 220 13.19 38.47 -8.62
CA VAL D 220 13.94 39.70 -8.33
C VAL D 220 12.98 40.80 -7.85
N TYR D 221 11.82 40.98 -8.56
CA TYR D 221 10.80 41.97 -8.19
C TYR D 221 10.24 41.65 -6.80
N SER D 222 9.94 40.35 -6.56
CA SER D 222 9.41 39.84 -5.31
C SER D 222 10.39 40.14 -4.17
N PHE D 223 11.71 40.00 -4.43
CA PHE D 223 12.77 40.28 -3.49
C PHE D 223 12.82 41.77 -3.14
N ALA D 224 12.67 42.64 -4.16
CA ALA D 224 12.67 44.11 -4.02
C ALA D 224 11.56 44.64 -3.11
N VAL D 225 10.38 43.99 -3.13
CA VAL D 225 9.24 44.38 -2.30
C VAL D 225 9.52 43.95 -0.85
N VAL D 226 10.25 42.81 -0.66
CA VAL D 226 10.65 42.28 0.64
C VAL D 226 11.56 43.32 1.35
N LEU D 227 12.51 43.94 0.58
CA LEU D 227 13.44 44.99 1.03
C LEU D 227 12.73 46.17 1.68
N TRP D 228 11.50 46.46 1.21
CA TRP D 228 10.68 47.54 1.71
C TRP D 228 10.09 47.19 3.08
N ALA D 229 9.51 45.98 3.20
CA ALA D 229 8.89 45.48 4.43
C ALA D 229 9.87 45.43 5.61
N ILE D 230 11.18 45.21 5.31
CA ILE D 230 12.27 45.15 6.28
C ILE D 230 12.44 46.52 7.01
N PHE D 231 12.61 47.60 6.21
CA PHE D 231 12.83 48.96 6.70
C PHE D 231 11.55 49.72 7.06
N ALA D 232 10.38 49.15 6.73
CA ALA D 232 9.10 49.75 7.09
C ALA D 232 8.46 49.07 8.29
N ASN D 233 8.80 47.79 8.53
CA ASN D 233 8.30 46.92 9.61
C ASN D 233 6.78 46.63 9.46
N LYS D 234 6.27 46.79 8.22
CA LYS D 234 4.87 46.58 7.86
C LYS D 234 4.68 46.16 6.39
N GLU D 235 3.45 45.71 6.06
CA GLU D 235 3.05 45.27 4.73
C GLU D 235 3.03 46.44 3.72
N PRO D 236 3.44 46.21 2.44
CA PRO D 236 3.45 47.30 1.46
C PRO D 236 2.05 47.73 0.97
N TYR D 237 2.03 48.82 0.17
CA TYR D 237 0.86 49.45 -0.41
C TYR D 237 -0.16 49.87 0.66
N GLU D 238 0.34 50.33 1.85
CA GLU D 238 -0.44 50.78 3.02
C GLU D 238 -1.48 49.68 3.40
N ASN D 239 -2.76 50.06 3.52
CA ASN D 239 -3.87 49.16 3.82
C ASN D 239 -4.80 49.18 2.59
N ALA D 240 -4.58 48.21 1.69
CA ALA D 240 -5.38 48.16 0.48
C ALA D 240 -5.60 46.74 0.03
N ILE D 241 -6.88 46.33 -0.05
CA ILE D 241 -7.22 44.99 -0.47
C ILE D 241 -6.92 44.87 -1.97
N ALA D 242 -6.63 43.63 -2.43
CA ALA D 242 -6.37 43.36 -3.84
C ALA D 242 -7.64 43.69 -4.63
N GLU D 243 -7.57 44.81 -5.38
CA GLU D 243 -8.67 45.34 -6.19
C GLU D 243 -8.14 45.64 -7.55
N GLN D 244 -9.01 45.69 -8.56
CA GLN D 244 -8.61 45.99 -9.93
C GLN D 244 -7.93 47.33 -10.03
N GLN D 245 -8.37 48.33 -9.21
CA GLN D 245 -7.73 49.65 -9.15
C GLN D 245 -6.33 49.55 -8.58
N LEU D 246 -6.15 48.74 -7.52
CA LEU D 246 -4.85 48.50 -6.90
C LEU D 246 -3.91 47.75 -7.86
N ILE D 247 -4.42 46.66 -8.49
CA ILE D 247 -3.70 45.79 -9.41
C ILE D 247 -3.28 46.54 -10.69
N MET D 248 -4.21 47.29 -11.32
CA MET D 248 -3.91 48.07 -12.54
C MET D 248 -2.92 49.24 -12.26
N ALA D 249 -3.04 49.90 -11.07
CA ALA D 249 -2.15 50.99 -10.68
C ALA D 249 -0.71 50.49 -10.58
N ILE D 250 -0.49 49.33 -9.95
CA ILE D 250 0.85 48.72 -9.84
C ILE D 250 1.40 48.46 -11.25
N LYS D 251 0.51 47.96 -12.14
CA LYS D 251 0.80 47.63 -13.52
C LYS D 251 1.31 48.83 -14.29
N SER D 252 0.67 50.01 -14.04
CA SER D 252 0.99 51.29 -14.69
C SER D 252 2.42 51.74 -14.43
N GLY D 253 2.81 51.66 -13.16
CA GLY D 253 4.14 52.05 -12.66
C GLY D 253 4.15 52.42 -11.19
N ASN D 254 2.94 52.36 -10.53
CA ASN D 254 2.76 52.66 -9.12
C ASN D 254 3.50 51.62 -8.28
N ARG D 255 4.29 52.09 -7.32
CA ARG D 255 5.11 51.25 -6.45
C ARG D 255 5.00 51.64 -4.97
N PRO D 256 5.44 50.76 -3.99
CA PRO D 256 5.35 51.14 -2.56
C PRO D 256 6.23 52.34 -2.21
N ASP D 257 5.69 53.22 -1.36
CA ASP D 257 6.31 54.48 -0.95
C ASP D 257 7.63 54.37 -0.23
N VAL D 258 8.71 54.94 -0.79
CA VAL D 258 10.04 54.93 -0.16
C VAL D 258 10.09 55.97 0.97
N ASP D 259 9.31 57.05 0.82
CA ASP D 259 9.18 58.14 1.79
C ASP D 259 8.44 57.68 3.05
N ASP D 260 7.70 56.56 2.96
CA ASP D 260 6.98 55.93 4.05
C ASP D 260 7.94 55.24 5.02
N ILE D 261 9.15 54.89 4.56
CA ILE D 261 10.17 54.27 5.41
C ILE D 261 10.59 55.30 6.47
N THR D 262 10.06 55.13 7.72
CA THR D 262 10.28 56.03 8.86
C THR D 262 11.72 55.93 9.41
N GLU D 263 12.18 54.69 9.76
CA GLU D 263 13.53 54.48 10.28
C GLU D 263 14.60 54.65 9.20
N TYR D 264 15.87 54.78 9.62
CA TYR D 264 16.99 54.97 8.69
C TYR D 264 17.15 53.81 7.71
N CYS D 265 17.58 54.17 6.49
CA CYS D 265 17.87 53.24 5.42
C CYS D 265 18.95 53.86 4.53
N PRO D 266 20.06 53.12 4.25
CA PRO D 266 21.11 53.67 3.38
C PRO D 266 20.67 53.89 1.93
N ARG D 267 21.20 54.95 1.29
CA ARG D 267 20.90 55.39 -0.08
C ARG D 267 21.11 54.29 -1.15
N GLU D 268 22.17 53.46 -0.98
CA GLU D 268 22.49 52.37 -1.92
C GLU D 268 21.47 51.21 -1.89
N ILE D 269 20.84 50.96 -0.71
CA ILE D 269 19.79 49.94 -0.56
C ILE D 269 18.52 50.41 -1.31
N ILE D 270 18.22 51.73 -1.23
CA ILE D 270 17.12 52.40 -1.93
C ILE D 270 17.37 52.32 -3.44
N SER D 271 18.64 52.45 -3.87
CA SER D 271 19.08 52.36 -5.25
C SER D 271 18.99 50.90 -5.77
N LEU D 272 19.07 49.92 -4.85
CA LEU D 272 19.01 48.48 -5.15
C LEU D 272 17.59 48.02 -5.41
N MET D 273 16.63 48.32 -4.51
CA MET D 273 15.24 47.92 -4.66
C MET D 273 14.54 48.57 -5.86
N LYS D 274 14.91 49.81 -6.21
CA LYS D 274 14.36 50.54 -7.37
C LYS D 274 14.82 49.92 -8.69
N LEU D 275 16.08 49.45 -8.73
CA LEU D 275 16.67 48.77 -9.88
C LEU D 275 16.12 47.33 -9.99
N CYS D 276 15.74 46.74 -8.83
CA CYS D 276 15.19 45.39 -8.73
C CYS D 276 13.67 45.31 -8.99
N TRP D 277 12.91 46.39 -8.70
CA TRP D 277 11.47 46.37 -8.95
C TRP D 277 11.06 47.06 -10.27
N GLU D 278 12.01 47.14 -11.25
CA GLU D 278 11.78 47.74 -12.57
C GLU D 278 10.69 47.00 -13.35
N ALA D 279 9.78 47.76 -14.03
CA ALA D 279 8.65 47.26 -14.81
C ALA D 279 9.04 46.18 -15.83
N ASN D 280 10.16 46.38 -16.55
CA ASN D 280 10.65 45.40 -17.52
C ASN D 280 11.61 44.43 -16.84
N PRO D 281 11.42 43.09 -17.03
CA PRO D 281 12.31 42.12 -16.37
C PRO D 281 13.76 42.17 -16.82
N GLU D 282 14.04 42.67 -18.06
CA GLU D 282 15.39 42.78 -18.62
C GLU D 282 16.27 43.75 -17.83
N ALA D 283 15.67 44.87 -17.37
CA ALA D 283 16.34 45.92 -16.59
C ALA D 283 16.77 45.44 -15.20
N ARG D 284 16.04 44.46 -14.65
CA ARG D 284 16.29 43.87 -13.33
C ARG D 284 17.62 43.12 -13.27
N PRO D 285 18.44 43.31 -12.22
CA PRO D 285 19.70 42.58 -12.16
C PRO D 285 19.51 41.14 -11.68
N THR D 286 20.39 40.23 -12.11
CA THR D 286 20.34 38.82 -11.71
C THR D 286 20.78 38.65 -10.25
N PHE D 287 20.31 37.57 -9.57
CA PHE D 287 20.65 37.27 -8.16
C PHE D 287 22.16 37.10 -7.92
N PRO D 288 22.97 36.41 -8.77
CA PRO D 288 24.42 36.35 -8.50
C PRO D 288 25.10 37.72 -8.62
N GLY D 289 24.51 38.61 -9.43
CA GLY D 289 24.98 39.97 -9.61
C GLY D 289 24.68 40.88 -8.44
N ILE D 290 23.50 40.69 -7.79
CA ILE D 290 23.07 41.47 -6.62
C ILE D 290 24.00 41.21 -5.42
N GLU D 291 24.48 39.96 -5.28
CA GLU D 291 25.43 39.55 -4.23
C GLU D 291 26.78 40.28 -4.45
N GLU D 292 27.21 40.45 -5.73
CA GLU D 292 28.44 41.12 -6.14
C GLU D 292 28.44 42.60 -5.77
N LYS D 293 27.23 43.20 -5.63
CA LYS D 293 27.02 44.61 -5.29
C LYS D 293 26.69 44.85 -3.81
N PHE D 294 26.01 43.88 -3.15
CA PHE D 294 25.58 43.97 -1.74
C PHE D 294 26.64 43.50 -0.72
N ARG D 295 27.31 42.34 -0.98
CA ARG D 295 28.35 41.78 -0.09
C ARG D 295 29.47 42.80 0.24
N PRO D 296 30.04 43.56 -0.75
CA PRO D 296 31.06 44.57 -0.40
C PRO D 296 30.53 45.66 0.54
N PHE D 297 29.23 45.98 0.43
CA PHE D 297 28.58 47.01 1.25
C PHE D 297 28.29 46.53 2.69
N TYR D 298 27.88 45.25 2.86
CA TYR D 298 27.56 44.68 4.18
C TYR D 298 28.77 44.63 5.13
N LEU D 299 29.86 43.96 4.73
CA LEU D 299 31.07 43.74 5.52
C LEU D 299 31.78 45.02 6.03
N SER D 300 31.63 46.15 5.31
CA SER D 300 32.30 47.41 5.67
C SER D 300 31.43 48.41 6.44
N GLN D 301 30.23 48.72 5.93
CA GLN D 301 29.33 49.72 6.51
C GLN D 301 28.42 49.13 7.60
N LEU D 302 27.71 48.03 7.31
CA LEU D 302 26.78 47.37 8.26
C LEU D 302 27.52 46.56 9.32
N GLU D 303 28.64 45.90 8.91
CA GLU D 303 29.49 45.05 9.76
C GLU D 303 30.89 45.67 9.91
#